data_1FA0
#
_entry.id   1FA0
#
_cell.length_a   73.800
_cell.length_b   109.100
_cell.length_c   238.500
_cell.angle_alpha   90.00
_cell.angle_beta   90.00
_cell.angle_gamma   90.00
#
_symmetry.space_group_name_H-M   'P 21 21 21'
#
loop_
_entity.id
_entity.type
_entity.pdbx_description
1 polymer POLY(A)-POLYMERASE
2 non-polymer 'MANGANESE (II) ION'
3 non-polymer "3'-DEOXYADENOSINE-5'-TRIPHOSPHATE"
4 non-polymer "3'-DEOXYADENOSINE"
5 non-polymer 'PYROPHOSPHATE 2-'
6 water water
#
_entity_poly.entity_id   1
_entity_poly.type   'polypeptide(L)'
_entity_poly.pdbx_seq_one_letter_code
;MSSQKVFGITGPVSTVGATAAENKLNDSLIQELKKEGSFETEQETANRVQVLKILQELAQRFVYEVSKKKNMSDGMARDA
GGKIFTYGSYRLGVHGPGSDIDTLVVVPKHVTREDFFTVFDSLLRERKELDEIAPVPDAFVPIIKIKFSGISIDLICARL
DQPQVPLSLTLSDKNLLRNLDEKDLRALNGTRVTDEILELVPKPNVFRIALRAIKLWAQRRAVYANIFGFPGGVAWAMLV
ARICQLYPNACSAVILNRFFIILSEWNWPQPVILKPIEDGPLQVRVWNPKIYAQDRSHRMPVITPAYPSMCATHNITEST
KKVILQEFVRGVQITNDIFSNKKSWANLFEKNDFFFRYKFYLEITAYTRGSDEQHLKWSGLVESKVRLLVMKLEVLAGIK
IAHPFTKPFESSYCCPTEDDYEMIQDKYGSHKTETALNALKLVTDENKEEESIKDAPKAYLSTMYIGLDFNIENKKEKVD
IHIPCTEFVNLCRSFNEDYGDHKVFNLALRFVKGYDLPDEVFDENEKRPSKKSKRKN
;
_entity_poly.pdbx_strand_id   A,B
#
# COMPACT_ATOMS: atom_id res chain seq x y z
N SER A 3 17.62 1.02 -22.09
CA SER A 3 17.84 2.28 -21.31
C SER A 3 19.27 2.75 -21.50
N GLN A 4 20.15 1.78 -21.77
CA GLN A 4 21.58 2.00 -21.98
C GLN A 4 22.32 0.79 -21.42
N LYS A 5 21.80 0.25 -20.32
CA LYS A 5 22.42 -0.90 -19.70
C LYS A 5 22.19 -2.17 -20.51
N VAL A 6 21.41 -2.05 -21.58
CA VAL A 6 21.10 -3.18 -22.44
C VAL A 6 22.28 -3.51 -23.37
N PHE A 7 23.36 -2.72 -23.26
CA PHE A 7 24.53 -2.94 -24.09
C PHE A 7 25.72 -3.48 -23.29
N GLY A 8 25.45 -3.88 -22.04
CA GLY A 8 26.52 -4.41 -21.21
C GLY A 8 27.56 -3.43 -20.73
N ILE A 9 28.43 -3.88 -19.84
CA ILE A 9 29.47 -3.03 -19.27
C ILE A 9 30.60 -2.58 -20.15
N THR A 10 30.60 -2.97 -21.42
CA THR A 10 31.67 -2.51 -22.32
C THR A 10 31.05 -1.86 -23.55
N GLY A 11 29.74 -1.70 -23.53
CA GLY A 11 29.08 -1.12 -24.68
C GLY A 11 29.12 -2.18 -25.75
N PRO A 12 28.38 -2.01 -26.85
CA PRO A 12 28.40 -3.02 -27.91
C PRO A 12 29.71 -3.14 -28.66
N VAL A 13 29.86 -4.28 -29.35
CA VAL A 13 31.04 -4.55 -30.17
C VAL A 13 30.72 -4.00 -31.57
N SER A 14 29.47 -4.19 -31.98
CA SER A 14 29.03 -3.72 -33.28
C SER A 14 27.54 -3.49 -33.28
N THR A 15 27.11 -2.41 -33.95
CA THR A 15 25.69 -2.10 -34.01
C THR A 15 25.07 -2.54 -35.33
N VAL A 16 25.89 -3.05 -36.25
CA VAL A 16 25.42 -3.48 -37.57
C VAL A 16 24.23 -4.44 -37.55
N GLY A 17 23.32 -4.24 -38.50
CA GLY A 17 22.16 -5.10 -38.60
C GLY A 17 22.53 -6.42 -39.26
N ALA A 18 21.55 -7.31 -39.41
CA ALA A 18 21.81 -8.60 -40.01
C ALA A 18 21.58 -8.61 -41.51
N THR A 19 22.54 -9.16 -42.27
CA THR A 19 22.42 -9.23 -43.72
C THR A 19 21.36 -10.26 -44.09
N ALA A 20 20.73 -10.07 -45.24
CA ALA A 20 19.69 -10.97 -45.71
C ALA A 20 20.12 -12.42 -45.68
N ALA A 21 21.41 -12.65 -45.91
CA ALA A 21 21.97 -14.01 -45.89
C ALA A 21 21.94 -14.57 -44.47
N GLU A 22 22.28 -13.73 -43.51
CA GLU A 22 22.31 -14.11 -42.11
C GLU A 22 20.93 -14.46 -41.60
N ASN A 23 19.91 -13.79 -42.13
CA ASN A 23 18.53 -14.07 -41.73
C ASN A 23 18.10 -15.43 -42.28
N LYS A 24 18.68 -15.81 -43.42
CA LYS A 24 18.35 -17.08 -44.04
C LYS A 24 18.84 -18.20 -43.12
N LEU A 25 20.07 -18.05 -42.64
CA LEU A 25 20.66 -19.03 -41.74
C LEU A 25 19.93 -19.05 -40.40
N ASN A 26 19.39 -17.90 -40.01
CA ASN A 26 18.68 -17.83 -38.75
C ASN A 26 17.33 -18.56 -38.87
N ASP A 27 16.70 -18.45 -40.03
CA ASP A 27 15.42 -19.13 -40.22
C ASP A 27 15.62 -20.64 -40.28
N SER A 28 16.75 -21.08 -40.85
CA SER A 28 17.05 -22.51 -40.92
C SER A 28 17.43 -23.02 -39.54
N LEU A 29 17.97 -22.14 -38.71
CA LEU A 29 18.34 -22.50 -37.34
C LEU A 29 17.05 -22.79 -36.58
N ILE A 30 16.09 -21.88 -36.71
CA ILE A 30 14.82 -22.04 -36.02
C ILE A 30 14.12 -23.27 -36.54
N GLN A 31 14.30 -23.55 -37.83
CA GLN A 31 13.67 -24.72 -38.42
C GLN A 31 14.20 -25.97 -37.71
N GLU A 32 15.52 -26.07 -37.57
CA GLU A 32 16.13 -27.21 -36.91
C GLU A 32 15.59 -27.32 -35.47
N LEU A 33 15.52 -26.20 -34.75
CA LEU A 33 15.03 -26.24 -33.38
C LEU A 33 13.63 -26.83 -33.35
N LYS A 34 12.81 -26.49 -34.35
CA LYS A 34 11.45 -27.00 -34.42
C LYS A 34 11.50 -28.50 -34.63
N LYS A 35 12.38 -28.93 -35.53
CA LYS A 35 12.53 -30.35 -35.82
C LYS A 35 12.91 -31.11 -34.57
N GLU A 36 13.65 -30.46 -33.70
CA GLU A 36 14.08 -31.07 -32.45
C GLU A 36 13.02 -30.96 -31.38
N GLY A 37 11.86 -30.43 -31.77
CA GLY A 37 10.76 -30.29 -30.84
C GLY A 37 11.09 -29.43 -29.64
N SER A 38 11.86 -28.36 -29.87
CA SER A 38 12.24 -27.47 -28.79
C SER A 38 11.00 -26.71 -28.29
N PHE A 39 10.18 -26.25 -29.23
CA PHE A 39 8.97 -25.49 -28.86
C PHE A 39 7.78 -26.39 -28.56
N GLU A 40 6.70 -25.79 -28.07
CA GLU A 40 5.48 -26.51 -27.75
C GLU A 40 4.37 -25.95 -28.63
N THR A 41 3.21 -26.59 -28.60
CA THR A 41 2.08 -26.15 -29.41
C THR A 41 1.30 -25.03 -28.75
N GLU A 42 0.76 -24.14 -29.57
CA GLU A 42 -0.02 -23.03 -29.08
C GLU A 42 -1.02 -23.52 -28.03
N GLN A 43 -1.46 -24.77 -28.15
CA GLN A 43 -2.42 -25.31 -27.20
C GLN A 43 -1.79 -25.52 -25.84
N GLU A 44 -0.63 -26.17 -25.82
CA GLU A 44 0.07 -26.45 -24.57
C GLU A 44 0.49 -25.16 -23.86
N THR A 45 0.82 -24.12 -24.62
CA THR A 45 1.19 -22.84 -24.04
C THR A 45 -0.06 -22.27 -23.36
N ALA A 46 -1.19 -22.35 -24.06
CA ALA A 46 -2.45 -21.84 -23.52
C ALA A 46 -2.85 -22.59 -22.26
N ASN A 47 -2.45 -23.86 -22.15
CA ASN A 47 -2.79 -24.65 -20.97
C ASN A 47 -1.95 -24.25 -19.76
N ARG A 48 -0.76 -23.68 -20.00
CA ARG A 48 0.08 -23.23 -18.91
C ARG A 48 -0.47 -21.89 -18.42
N VAL A 49 -0.82 -21.00 -19.35
CA VAL A 49 -1.39 -19.71 -18.98
C VAL A 49 -2.58 -19.95 -18.06
N GLN A 50 -3.42 -20.93 -18.40
CA GLN A 50 -4.60 -21.25 -17.62
C GLN A 50 -4.30 -21.79 -16.22
N VAL A 51 -3.34 -22.70 -16.11
CA VAL A 51 -3.01 -23.24 -14.80
C VAL A 51 -2.53 -22.11 -13.88
N LEU A 52 -1.65 -21.26 -14.42
CA LEU A 52 -1.13 -20.13 -13.66
C LEU A 52 -2.26 -19.22 -13.20
N LYS A 53 -3.20 -18.94 -14.11
CA LYS A 53 -4.35 -18.10 -13.81
C LYS A 53 -5.05 -18.62 -12.57
N ILE A 54 -5.27 -19.94 -12.54
CA ILE A 54 -5.92 -20.57 -11.40
C ILE A 54 -5.06 -20.45 -10.13
N LEU A 55 -3.76 -20.72 -10.28
CA LEU A 55 -2.82 -20.65 -9.16
C LEU A 55 -2.80 -19.25 -8.52
N GLN A 56 -2.92 -18.23 -9.36
CA GLN A 56 -2.98 -16.85 -8.87
C GLN A 56 -4.23 -16.79 -8.00
N GLU A 57 -5.36 -17.20 -8.57
CA GLU A 57 -6.64 -17.25 -7.86
C GLU A 57 -6.48 -17.96 -6.52
N LEU A 58 -5.70 -19.02 -6.49
CA LEU A 58 -5.49 -19.75 -5.24
C LEU A 58 -4.57 -19.05 -4.25
N ALA A 59 -3.61 -18.29 -4.78
CA ALA A 59 -2.67 -17.56 -3.95
C ALA A 59 -3.44 -16.48 -3.20
N GLN A 60 -4.29 -15.76 -3.93
CA GLN A 60 -5.08 -14.72 -3.30
C GLN A 60 -5.96 -15.36 -2.24
N ARG A 61 -6.72 -16.39 -2.63
CA ARG A 61 -7.59 -17.11 -1.70
C ARG A 61 -6.82 -17.55 -0.45
N PHE A 62 -5.59 -18.02 -0.66
CA PHE A 62 -4.73 -18.48 0.42
C PHE A 62 -4.49 -17.32 1.37
N VAL A 63 -3.97 -16.20 0.86
CA VAL A 63 -3.70 -15.03 1.70
C VAL A 63 -4.97 -14.54 2.40
N TYR A 64 -6.03 -14.33 1.62
CA TYR A 64 -7.32 -13.88 2.15
C TYR A 64 -7.78 -14.72 3.32
N GLU A 65 -7.74 -16.03 3.15
CA GLU A 65 -8.19 -16.93 4.21
C GLU A 65 -7.33 -16.80 5.43
N VAL A 66 -6.01 -16.72 5.26
CA VAL A 66 -5.15 -16.60 6.44
C VAL A 66 -5.37 -15.24 7.12
N SER A 67 -5.52 -14.19 6.32
CA SER A 67 -5.76 -12.85 6.85
C SER A 67 -7.02 -12.84 7.72
N LYS A 68 -8.09 -13.45 7.22
CA LYS A 68 -9.35 -13.51 7.95
C LYS A 68 -9.15 -14.16 9.30
N LYS A 69 -8.45 -15.28 9.32
CA LYS A 69 -8.19 -15.99 10.57
C LYS A 69 -7.37 -15.13 11.53
N LYS A 70 -6.97 -13.94 11.06
CA LYS A 70 -6.20 -13.02 11.88
C LYS A 70 -7.12 -11.85 12.25
N ASN A 71 -8.43 -12.08 12.11
CA ASN A 71 -9.43 -11.08 12.44
C ASN A 71 -9.23 -9.82 11.64
N MET A 72 -9.05 -9.97 10.33
CA MET A 72 -8.82 -8.83 9.46
C MET A 72 -10.15 -8.45 8.81
N SER A 73 -10.24 -7.21 8.37
CA SER A 73 -11.45 -6.73 7.70
C SER A 73 -11.71 -7.58 6.47
N ASP A 74 -12.92 -7.52 5.96
CA ASP A 74 -13.27 -8.28 4.77
C ASP A 74 -12.55 -7.57 3.62
N GLY A 75 -12.39 -6.26 3.77
CA GLY A 75 -11.72 -5.48 2.76
C GLY A 75 -10.22 -5.58 2.88
N MET A 76 -9.73 -5.72 4.11
CA MET A 76 -8.30 -5.83 4.31
C MET A 76 -7.77 -7.19 3.91
N ALA A 77 -8.51 -8.25 4.24
CA ALA A 77 -8.07 -9.59 3.87
C ALA A 77 -7.92 -9.65 2.36
N ARG A 78 -8.80 -8.93 1.67
CA ARG A 78 -8.78 -8.87 0.23
C ARG A 78 -7.60 -8.04 -0.22
N ASP A 79 -7.39 -6.91 0.44
CA ASP A 79 -6.30 -6.01 0.11
C ASP A 79 -4.92 -6.55 0.49
N ALA A 80 -4.86 -7.55 1.36
CA ALA A 80 -3.58 -8.15 1.73
C ALA A 80 -2.98 -8.74 0.48
N GLY A 81 -3.84 -9.09 -0.48
CA GLY A 81 -3.39 -9.60 -1.76
C GLY A 81 -2.84 -11.01 -1.90
N GLY A 82 -1.63 -11.10 -2.43
CA GLY A 82 -0.99 -12.38 -2.65
C GLY A 82 -0.77 -12.47 -4.15
N LYS A 83 0.44 -12.82 -4.58
CA LYS A 83 0.73 -12.90 -6.00
C LYS A 83 1.65 -14.05 -6.42
N ILE A 84 1.51 -14.45 -7.68
CA ILE A 84 2.28 -15.53 -8.27
C ILE A 84 3.32 -15.02 -9.23
N PHE A 85 4.54 -15.55 -9.09
CA PHE A 85 5.66 -15.17 -9.96
C PHE A 85 6.30 -16.44 -10.48
N THR A 86 6.86 -16.36 -11.67
CA THR A 86 7.54 -17.52 -12.23
C THR A 86 9.01 -17.20 -12.40
N TYR A 87 9.80 -18.25 -12.56
CA TYR A 87 11.23 -18.15 -12.77
C TYR A 87 11.61 -19.47 -13.40
N GLY A 88 12.81 -19.58 -13.93
CA GLY A 88 13.19 -20.82 -14.53
C GLY A 88 12.99 -20.79 -16.03
N SER A 89 12.82 -21.97 -16.60
CA SER A 89 12.65 -22.10 -18.04
C SER A 89 11.45 -21.37 -18.60
N TYR A 90 10.30 -21.50 -17.96
CA TYR A 90 9.10 -20.85 -18.48
C TYR A 90 9.18 -19.32 -18.39
N ARG A 91 9.80 -18.81 -17.33
CA ARG A 91 9.91 -17.36 -17.19
C ARG A 91 10.71 -16.73 -18.33
N LEU A 92 11.78 -17.39 -18.74
CA LEU A 92 12.62 -16.88 -19.82
C LEU A 92 12.00 -17.08 -21.20
N GLY A 93 11.02 -17.97 -21.29
CA GLY A 93 10.38 -18.22 -22.58
C GLY A 93 11.21 -19.13 -23.46
N VAL A 94 11.84 -20.12 -22.85
CA VAL A 94 12.69 -21.08 -23.56
C VAL A 94 12.38 -22.47 -23.00
N HIS A 95 11.16 -22.62 -22.50
CA HIS A 95 10.74 -23.92 -21.96
C HIS A 95 10.36 -24.85 -23.10
N GLY A 96 10.20 -26.12 -22.75
CA GLY A 96 9.85 -27.09 -23.77
C GLY A 96 8.55 -27.78 -23.43
N PRO A 97 8.07 -28.64 -24.35
CA PRO A 97 6.83 -29.41 -24.19
C PRO A 97 6.72 -30.07 -22.82
N GLY A 98 7.83 -30.62 -22.32
CA GLY A 98 7.78 -31.29 -21.04
C GLY A 98 8.36 -30.51 -19.88
N SER A 99 8.55 -29.22 -20.07
CA SER A 99 9.13 -28.41 -19.01
C SER A 99 8.08 -28.15 -17.94
N ASP A 100 8.52 -28.11 -16.69
CA ASP A 100 7.62 -27.82 -15.58
C ASP A 100 7.52 -26.30 -15.46
N ILE A 101 6.65 -25.80 -14.59
CA ILE A 101 6.55 -24.35 -14.40
C ILE A 101 7.00 -23.99 -12.99
N ASP A 102 8.14 -23.33 -12.89
CA ASP A 102 8.67 -22.93 -11.59
C ASP A 102 7.94 -21.68 -11.14
N THR A 103 7.25 -21.83 -10.01
CA THR A 103 6.41 -20.78 -9.50
C THR A 103 6.68 -20.31 -8.07
N LEU A 104 6.78 -19.00 -7.92
CA LEU A 104 7.01 -18.37 -6.62
C LEU A 104 5.74 -17.73 -6.13
N VAL A 105 5.41 -17.95 -4.86
CA VAL A 105 4.19 -17.39 -4.28
C VAL A 105 4.59 -16.36 -3.23
N VAL A 106 4.23 -15.09 -3.45
CA VAL A 106 4.59 -14.05 -2.50
C VAL A 106 3.45 -13.65 -1.58
N VAL A 107 3.70 -13.60 -0.29
CA VAL A 107 2.66 -13.26 0.68
C VAL A 107 3.10 -12.22 1.72
N PRO A 108 2.15 -11.44 2.27
CA PRO A 108 2.45 -10.42 3.27
C PRO A 108 3.01 -10.98 4.58
N LYS A 109 3.52 -10.08 5.41
CA LYS A 109 4.10 -10.41 6.70
C LYS A 109 3.34 -11.45 7.54
N HIS A 110 2.03 -11.31 7.66
CA HIS A 110 1.25 -12.23 8.49
C HIS A 110 1.04 -13.65 7.98
N VAL A 111 1.43 -13.91 6.73
CA VAL A 111 1.28 -15.25 6.18
C VAL A 111 2.62 -15.99 6.36
N THR A 112 2.61 -17.07 7.14
CA THR A 112 3.82 -17.85 7.39
C THR A 112 4.02 -19.02 6.44
N ARG A 113 5.17 -19.68 6.55
CA ARG A 113 5.44 -20.80 5.68
C ARG A 113 4.61 -21.98 6.15
N GLU A 114 4.36 -22.05 7.45
CA GLU A 114 3.54 -23.12 7.98
C GLU A 114 2.21 -22.97 7.27
N ASP A 115 1.68 -21.75 7.28
CA ASP A 115 0.41 -21.43 6.62
C ASP A 115 0.44 -21.97 5.19
N PHE A 116 1.61 -21.84 4.56
CA PHE A 116 1.83 -22.27 3.19
C PHE A 116 1.60 -23.77 2.98
N PHE A 117 2.20 -24.61 3.84
CA PHE A 117 2.03 -26.04 3.70
C PHE A 117 0.69 -26.54 4.21
N THR A 118 0.05 -25.73 5.06
CA THR A 118 -1.25 -26.08 5.61
C THR A 118 -2.33 -25.57 4.67
N VAL A 119 -2.70 -24.32 4.88
CA VAL A 119 -3.75 -23.69 4.10
C VAL A 119 -3.61 -23.76 2.60
N PHE A 120 -2.50 -23.29 2.04
CA PHE A 120 -2.33 -23.30 0.59
C PHE A 120 -2.46 -24.71 0.03
N ASP A 121 -1.83 -25.64 0.72
CA ASP A 121 -1.84 -27.04 0.33
C ASP A 121 -3.29 -27.53 0.27
N SER A 122 -4.01 -27.36 1.38
CA SER A 122 -5.40 -27.77 1.45
C SER A 122 -6.19 -27.17 0.31
N LEU A 123 -5.91 -25.91 -0.01
CA LEU A 123 -6.61 -25.23 -1.09
C LEU A 123 -6.30 -25.84 -2.45
N LEU A 124 -5.16 -26.51 -2.54
CA LEU A 124 -4.74 -27.15 -3.78
C LEU A 124 -5.48 -28.48 -3.94
N ARG A 125 -5.56 -29.23 -2.84
CA ARG A 125 -6.21 -30.53 -2.84
C ARG A 125 -7.71 -30.40 -3.16
N GLU A 126 -8.33 -29.31 -2.73
CA GLU A 126 -9.75 -29.09 -2.98
C GLU A 126 -10.01 -28.84 -4.48
N ARG A 127 -9.19 -29.42 -5.37
CA ARG A 127 -9.37 -29.20 -6.81
C ARG A 127 -9.30 -30.43 -7.71
N LYS A 128 -10.11 -30.39 -8.76
CA LYS A 128 -10.16 -31.47 -9.74
C LYS A 128 -8.83 -31.61 -10.47
N GLU A 129 -8.36 -30.51 -11.05
CA GLU A 129 -7.12 -30.49 -11.81
C GLU A 129 -5.85 -30.98 -11.09
N LEU A 130 -5.92 -31.14 -9.78
CA LEU A 130 -4.76 -31.63 -9.05
C LEU A 130 -4.55 -33.11 -9.37
N ASP A 131 -3.54 -33.41 -10.20
CA ASP A 131 -3.21 -34.78 -10.59
C ASP A 131 -2.39 -35.44 -9.50
N GLU A 132 -1.64 -34.66 -8.74
CA GLU A 132 -0.80 -35.18 -7.66
C GLU A 132 0.01 -34.09 -6.95
N ILE A 133 0.35 -34.34 -5.69
CA ILE A 133 1.10 -33.38 -4.88
C ILE A 133 2.16 -34.08 -4.03
N ALA A 134 3.37 -33.56 -4.06
CA ALA A 134 4.49 -34.12 -3.32
C ALA A 134 5.16 -33.07 -2.46
N PRO A 135 4.51 -32.66 -1.36
CA PRO A 135 5.07 -31.64 -0.47
C PRO A 135 6.34 -32.06 0.25
N VAL A 136 7.43 -31.36 -0.03
CA VAL A 136 8.72 -31.63 0.59
C VAL A 136 9.19 -30.37 1.34
N PRO A 137 8.59 -30.12 2.52
CA PRO A 137 8.80 -29.00 3.44
C PRO A 137 10.21 -28.75 3.94
N ASP A 138 11.10 -29.74 3.82
CA ASP A 138 12.46 -29.56 4.32
C ASP A 138 13.59 -29.45 3.31
N ALA A 139 13.28 -29.16 2.05
CA ALA A 139 14.33 -29.02 1.06
C ALA A 139 15.10 -27.73 1.37
N PHE A 140 16.26 -27.57 0.72
CA PHE A 140 17.10 -26.39 0.90
C PHE A 140 16.20 -25.16 0.76
N VAL A 141 15.25 -25.26 -0.16
CA VAL A 141 14.28 -24.20 -0.37
C VAL A 141 12.94 -24.91 -0.25
N PRO A 142 12.24 -24.70 0.87
CA PRO A 142 10.94 -25.33 1.07
C PRO A 142 10.14 -25.28 -0.22
N ILE A 143 9.53 -26.39 -0.60
CA ILE A 143 8.78 -26.44 -1.85
C ILE A 143 7.67 -27.49 -1.82
N ILE A 144 6.67 -27.30 -2.67
CA ILE A 144 5.56 -28.22 -2.81
C ILE A 144 5.54 -28.59 -4.29
N LYS A 145 5.83 -29.85 -4.63
CA LYS A 145 5.84 -30.25 -6.03
C LYS A 145 4.52 -30.89 -6.43
N ILE A 146 3.93 -30.40 -7.51
CA ILE A 146 2.64 -30.92 -7.93
C ILE A 146 2.46 -31.08 -9.44
N LYS A 147 1.41 -31.82 -9.80
CA LYS A 147 1.02 -32.04 -11.19
C LYS A 147 -0.40 -31.46 -11.20
N PHE A 148 -0.67 -30.59 -12.17
CA PHE A 148 -1.98 -29.92 -12.28
C PHE A 148 -2.37 -29.90 -13.77
N SER A 149 -3.59 -30.31 -14.08
CA SER A 149 -4.04 -30.32 -15.47
C SER A 149 -2.98 -30.92 -16.41
N GLY A 150 -2.15 -31.81 -15.88
CA GLY A 150 -1.13 -32.45 -16.70
C GLY A 150 0.14 -31.65 -16.88
N ILE A 151 0.43 -30.79 -15.93
CA ILE A 151 1.62 -29.94 -15.98
C ILE A 151 2.34 -29.96 -14.63
N SER A 152 3.66 -30.09 -14.67
CA SER A 152 4.41 -30.10 -13.42
C SER A 152 4.61 -28.68 -12.95
N ILE A 153 4.36 -28.46 -11.65
CA ILE A 153 4.52 -27.14 -11.08
C ILE A 153 5.37 -27.18 -9.82
N ASP A 154 6.43 -26.39 -9.78
CA ASP A 154 7.27 -26.29 -8.59
C ASP A 154 6.71 -25.09 -7.83
N LEU A 155 6.51 -25.24 -6.52
CA LEU A 155 5.96 -24.15 -5.73
C LEU A 155 6.71 -23.83 -4.46
N ILE A 156 7.34 -22.67 -4.46
CA ILE A 156 8.06 -22.23 -3.29
C ILE A 156 7.35 -20.97 -2.81
N CYS A 157 7.51 -20.65 -1.53
CA CYS A 157 6.84 -19.51 -0.96
C CYS A 157 7.80 -18.51 -0.34
N ALA A 158 7.59 -17.25 -0.67
CA ALA A 158 8.42 -16.18 -0.14
C ALA A 158 7.49 -15.20 0.56
N ARG A 159 7.83 -14.79 1.78
CA ARG A 159 7.01 -13.83 2.48
C ARG A 159 7.76 -12.55 2.73
N LEU A 160 7.24 -11.45 2.19
CA LEU A 160 7.86 -10.13 2.34
C LEU A 160 7.54 -9.48 3.66
N ASP A 161 8.43 -8.60 4.11
CA ASP A 161 8.22 -7.90 5.37
C ASP A 161 7.37 -6.64 5.17
N GLN A 162 6.17 -6.83 4.60
CA GLN A 162 5.21 -5.75 4.38
C GLN A 162 3.81 -6.30 4.65
N PRO A 163 2.80 -5.42 4.76
CA PRO A 163 1.42 -5.88 5.03
C PRO A 163 0.59 -6.30 3.83
N GLN A 164 0.98 -5.90 2.63
CA GLN A 164 0.20 -6.26 1.48
C GLN A 164 1.07 -6.63 0.30
N VAL A 165 0.53 -7.46 -0.58
CA VAL A 165 1.23 -7.87 -1.79
C VAL A 165 0.22 -7.65 -2.88
N PRO A 166 0.22 -6.46 -3.49
CA PRO A 166 -0.71 -6.10 -4.56
C PRO A 166 -0.37 -6.74 -5.90
N LEU A 167 -1.36 -6.83 -6.78
CA LEU A 167 -1.16 -7.40 -8.09
C LEU A 167 -0.07 -6.70 -8.90
N SER A 168 0.15 -5.41 -8.61
CA SER A 168 1.14 -4.63 -9.35
C SER A 168 2.61 -4.86 -8.95
N LEU A 169 2.81 -5.42 -7.77
CA LEU A 169 4.15 -5.66 -7.26
C LEU A 169 5.11 -6.41 -8.19
N THR A 170 6.29 -5.82 -8.39
CA THR A 170 7.34 -6.46 -9.18
C THR A 170 8.44 -6.52 -8.14
N LEU A 171 9.35 -7.48 -8.25
CA LEU A 171 10.39 -7.65 -7.23
C LEU A 171 11.78 -7.04 -7.48
N SER A 172 11.86 -6.05 -8.35
CA SER A 172 13.15 -5.43 -8.64
C SER A 172 13.75 -4.60 -7.51
N ASP A 173 12.92 -3.93 -6.72
CA ASP A 173 13.45 -3.12 -5.63
C ASP A 173 14.35 -3.87 -4.65
N LYS A 174 15.58 -3.42 -4.53
CA LYS A 174 16.56 -4.02 -3.65
C LYS A 174 16.00 -4.13 -2.22
N ASN A 175 15.16 -3.18 -1.84
CA ASN A 175 14.58 -3.15 -0.50
C ASN A 175 13.55 -4.21 -0.11
N LEU A 176 13.00 -4.93 -1.09
CA LEU A 176 12.00 -5.96 -0.78
C LEU A 176 12.62 -7.06 0.05
N LEU A 177 13.95 -7.10 0.06
CA LEU A 177 14.68 -8.12 0.78
C LEU A 177 14.86 -7.83 2.28
N ARG A 178 14.49 -6.65 2.74
CA ARG A 178 14.68 -6.31 4.15
C ARG A 178 14.06 -7.33 5.10
N ASN A 179 14.71 -7.56 6.22
CA ASN A 179 14.23 -8.48 7.26
C ASN A 179 13.85 -9.90 6.87
N LEU A 180 14.15 -10.33 5.66
CA LEU A 180 13.81 -11.70 5.27
C LEU A 180 14.78 -12.70 5.90
N ASP A 181 14.39 -13.97 5.91
CA ASP A 181 15.27 -14.99 6.45
C ASP A 181 15.95 -15.68 5.28
N GLU A 182 16.95 -16.53 5.58
CA GLU A 182 17.68 -17.23 4.54
C GLU A 182 16.82 -17.93 3.49
N LYS A 183 15.82 -18.66 3.93
CA LYS A 183 14.97 -19.37 2.99
C LYS A 183 14.12 -18.44 2.12
N ASP A 184 13.50 -17.43 2.72
CA ASP A 184 12.68 -16.50 1.93
C ASP A 184 13.59 -15.79 0.93
N LEU A 185 14.72 -15.31 1.43
CA LEU A 185 15.70 -14.61 0.62
C LEU A 185 16.12 -15.47 -0.57
N ARG A 186 16.29 -16.76 -0.31
CA ARG A 186 16.68 -17.72 -1.33
C ARG A 186 15.57 -17.88 -2.38
N ALA A 187 14.32 -17.78 -1.93
CA ALA A 187 13.18 -17.93 -2.82
C ALA A 187 12.97 -16.76 -3.77
N LEU A 188 13.31 -15.56 -3.32
CA LEU A 188 13.15 -14.39 -4.15
C LEU A 188 14.19 -14.30 -5.26
N ASN A 189 15.41 -14.73 -4.92
CA ASN A 189 16.55 -14.70 -5.83
C ASN A 189 16.28 -15.26 -7.24
N GLY A 190 15.62 -16.41 -7.33
CA GLY A 190 15.35 -17.01 -8.63
C GLY A 190 14.67 -16.11 -9.64
N THR A 191 13.52 -15.56 -9.25
CA THR A 191 12.72 -14.64 -10.08
C THR A 191 13.47 -13.32 -10.32
N ARG A 192 14.03 -12.76 -9.26
CA ARG A 192 14.76 -11.50 -9.37
C ARG A 192 15.85 -11.60 -10.42
N VAL A 193 16.55 -12.74 -10.44
CA VAL A 193 17.63 -12.98 -11.39
C VAL A 193 17.11 -13.14 -12.82
N THR A 194 16.14 -14.03 -13.05
CA THR A 194 15.61 -14.20 -14.40
C THR A 194 14.94 -12.91 -14.85
N ASP A 195 14.40 -12.16 -13.90
CA ASP A 195 13.76 -10.90 -14.24
C ASP A 195 14.78 -9.93 -14.80
N GLU A 196 15.95 -9.87 -14.17
CA GLU A 196 16.96 -8.93 -14.63
C GLU A 196 17.61 -9.31 -15.95
N ILE A 197 17.79 -10.60 -16.18
CA ILE A 197 18.39 -11.08 -17.42
C ILE A 197 17.60 -10.51 -18.59
N LEU A 198 16.32 -10.78 -18.62
CA LEU A 198 15.44 -10.28 -19.68
C LEU A 198 15.49 -8.77 -19.82
N GLU A 199 15.84 -8.08 -18.74
CA GLU A 199 15.90 -6.61 -18.75
C GLU A 199 17.22 -6.03 -19.23
N LEU A 200 18.26 -6.86 -19.28
CA LEU A 200 19.59 -6.44 -19.68
C LEU A 200 19.98 -6.96 -21.07
N VAL A 201 18.99 -7.39 -21.82
CA VAL A 201 19.26 -7.92 -23.15
C VAL A 201 18.63 -6.95 -24.17
N PRO A 202 19.30 -6.72 -25.31
CA PRO A 202 18.77 -5.81 -26.34
C PRO A 202 17.43 -6.25 -26.92
N LYS A 203 17.41 -7.44 -27.50
CA LYS A 203 16.20 -8.00 -28.11
C LYS A 203 15.92 -9.31 -27.40
N PRO A 204 14.90 -9.33 -26.54
CA PRO A 204 14.63 -10.59 -25.86
C PRO A 204 14.32 -11.79 -26.77
N ASN A 205 13.76 -11.54 -27.95
CA ASN A 205 13.44 -12.64 -28.84
C ASN A 205 14.70 -13.25 -29.44
N VAL A 206 15.63 -12.42 -29.90
CA VAL A 206 16.88 -12.94 -30.44
C VAL A 206 17.54 -13.76 -29.35
N PHE A 207 17.43 -13.25 -28.12
CA PHE A 207 17.97 -13.90 -26.93
C PHE A 207 17.36 -15.28 -26.65
N ARG A 208 16.07 -15.43 -26.92
CA ARG A 208 15.40 -16.70 -26.66
C ARG A 208 15.80 -17.80 -27.62
N ILE A 209 15.83 -17.52 -28.92
CA ILE A 209 16.21 -18.53 -29.89
C ILE A 209 17.67 -18.96 -29.61
N ALA A 210 18.55 -18.00 -29.42
CA ALA A 210 19.95 -18.31 -29.13
C ALA A 210 20.11 -19.15 -27.85
N LEU A 211 19.21 -18.99 -26.88
CA LEU A 211 19.30 -19.76 -25.64
C LEU A 211 18.81 -21.19 -25.86
N ARG A 212 17.75 -21.32 -26.66
CA ARG A 212 17.21 -22.65 -26.97
C ARG A 212 18.32 -23.46 -27.65
N ALA A 213 19.01 -22.83 -28.58
CA ALA A 213 20.10 -23.47 -29.30
C ALA A 213 21.21 -23.87 -28.32
N ILE A 214 21.64 -22.92 -27.50
CA ILE A 214 22.70 -23.21 -26.54
C ILE A 214 22.28 -24.31 -25.57
N LYS A 215 21.03 -24.28 -25.11
CA LYS A 215 20.54 -25.32 -24.20
C LYS A 215 20.62 -26.69 -24.86
N LEU A 216 20.12 -26.78 -26.10
CA LEU A 216 20.16 -28.01 -26.86
C LEU A 216 21.60 -28.45 -27.05
N TRP A 217 22.41 -27.58 -27.62
CA TRP A 217 23.81 -27.85 -27.84
C TRP A 217 24.52 -28.35 -26.57
N ALA A 218 24.47 -27.56 -25.49
CA ALA A 218 25.10 -27.93 -24.23
C ALA A 218 24.70 -29.32 -23.75
N GLN A 219 23.42 -29.64 -23.83
CA GLN A 219 22.95 -30.95 -23.40
C GLN A 219 23.46 -32.09 -24.29
N ARG A 220 23.59 -31.84 -25.58
CA ARG A 220 24.08 -32.87 -26.49
C ARG A 220 25.59 -33.04 -26.37
N ARG A 221 26.30 -31.97 -26.09
CA ARG A 221 27.75 -32.05 -25.96
C ARG A 221 28.13 -32.40 -24.54
N ALA A 222 27.15 -32.75 -23.74
CA ALA A 222 27.36 -33.14 -22.34
C ALA A 222 28.13 -32.12 -21.46
N VAL A 223 27.75 -30.86 -21.56
CA VAL A 223 28.36 -29.82 -20.74
C VAL A 223 27.29 -28.95 -20.11
N TYR A 224 26.16 -29.59 -19.75
CA TYR A 224 25.04 -28.91 -19.12
C TYR A 224 24.63 -29.63 -17.83
N ALA A 225 25.45 -29.53 -16.80
CA ALA A 225 25.11 -30.16 -15.53
C ALA A 225 25.97 -29.58 -14.42
N ASN A 226 25.37 -28.67 -13.66
CA ASN A 226 26.03 -27.99 -12.56
C ASN A 226 26.68 -28.92 -11.55
N ILE A 227 25.99 -30.01 -11.22
CA ILE A 227 26.50 -30.94 -10.22
C ILE A 227 27.85 -31.56 -10.58
N PHE A 228 28.12 -31.74 -11.87
CA PHE A 228 29.39 -32.34 -12.31
C PHE A 228 30.46 -31.35 -12.72
N GLY A 229 30.23 -30.07 -12.46
CA GLY A 229 31.23 -29.07 -12.79
C GLY A 229 31.02 -28.36 -14.12
N PHE A 230 29.80 -28.39 -14.63
CA PHE A 230 29.51 -27.70 -15.89
C PHE A 230 28.47 -26.63 -15.61
N PRO A 231 28.34 -25.64 -16.49
CA PRO A 231 27.35 -24.60 -16.26
C PRO A 231 25.93 -25.17 -16.19
N GLY A 232 25.08 -24.53 -15.39
CA GLY A 232 23.70 -24.97 -15.29
C GLY A 232 22.87 -24.07 -16.19
N GLY A 233 21.56 -24.15 -16.07
CA GLY A 233 20.70 -23.32 -16.89
C GLY A 233 20.88 -21.83 -16.71
N VAL A 234 20.91 -21.35 -15.47
CA VAL A 234 21.08 -19.92 -15.27
C VAL A 234 22.42 -19.47 -15.82
N ALA A 235 23.45 -20.29 -15.62
CA ALA A 235 24.79 -19.98 -16.10
C ALA A 235 24.74 -19.78 -17.60
N TRP A 236 24.30 -20.81 -18.32
CA TRP A 236 24.21 -20.71 -19.76
C TRP A 236 23.42 -19.49 -20.21
N ALA A 237 22.33 -19.18 -19.51
CA ALA A 237 21.53 -18.03 -19.89
C ALA A 237 22.30 -16.72 -19.78
N MET A 238 22.92 -16.45 -18.63
CA MET A 238 23.67 -15.21 -18.47
C MET A 238 24.77 -15.11 -19.52
N LEU A 239 25.40 -16.24 -19.82
CA LEU A 239 26.45 -16.27 -20.83
C LEU A 239 25.92 -15.84 -22.21
N VAL A 240 24.75 -16.34 -22.60
CA VAL A 240 24.16 -15.95 -23.88
C VAL A 240 23.82 -14.46 -23.85
N ALA A 241 23.27 -13.99 -22.73
CA ALA A 241 22.89 -12.59 -22.59
C ALA A 241 24.08 -11.64 -22.70
N ARG A 242 25.23 -12.04 -22.17
CA ARG A 242 26.40 -11.19 -22.25
C ARG A 242 26.77 -10.98 -23.71
N ILE A 243 26.53 -12.00 -24.53
CA ILE A 243 26.86 -11.89 -25.94
C ILE A 243 25.76 -11.14 -26.66
N CYS A 244 24.51 -11.35 -26.27
CA CYS A 244 23.42 -10.61 -26.91
C CYS A 244 23.67 -9.12 -26.72
N GLN A 245 24.28 -8.77 -25.58
CA GLN A 245 24.58 -7.39 -25.24
C GLN A 245 25.55 -6.79 -26.23
N LEU A 246 26.55 -7.58 -26.60
CA LEU A 246 27.59 -7.15 -27.52
C LEU A 246 27.09 -6.90 -28.95
N TYR A 247 26.04 -7.59 -29.37
CA TYR A 247 25.54 -7.39 -30.74
C TYR A 247 24.04 -7.11 -30.72
N PRO A 248 23.67 -5.88 -30.38
CA PRO A 248 22.30 -5.36 -30.27
C PRO A 248 21.32 -5.76 -31.36
N ASN A 249 21.70 -5.62 -32.63
CA ASN A 249 20.74 -5.98 -33.68
C ASN A 249 21.18 -7.04 -34.66
N ALA A 250 21.72 -8.13 -34.15
CA ALA A 250 22.14 -9.22 -35.02
C ALA A 250 21.07 -10.29 -34.89
N CYS A 251 21.10 -11.29 -35.77
CA CYS A 251 20.11 -12.36 -35.65
C CYS A 251 20.71 -13.38 -34.70
N SER A 252 19.86 -14.25 -34.17
CA SER A 252 20.31 -15.27 -33.24
C SER A 252 21.45 -16.10 -33.81
N ALA A 253 21.45 -16.29 -35.12
CA ALA A 253 22.49 -17.08 -35.79
C ALA A 253 23.89 -16.47 -35.67
N VAL A 254 24.02 -15.18 -35.91
CA VAL A 254 25.33 -14.55 -35.78
C VAL A 254 25.73 -14.60 -34.30
N ILE A 255 24.75 -14.49 -33.41
CA ILE A 255 24.98 -14.55 -31.97
C ILE A 255 25.69 -15.84 -31.57
N LEU A 256 25.13 -16.99 -31.96
CA LEU A 256 25.73 -18.26 -31.61
C LEU A 256 27.19 -18.31 -32.09
N ASN A 257 27.47 -17.72 -33.24
CA ASN A 257 28.84 -17.73 -33.74
C ASN A 257 29.73 -16.82 -32.89
N ARG A 258 29.30 -15.59 -32.65
CA ARG A 258 30.10 -14.68 -31.83
C ARG A 258 30.26 -15.27 -30.46
N PHE A 259 29.20 -15.96 -30.02
CA PHE A 259 29.16 -16.61 -28.71
C PHE A 259 30.36 -17.56 -28.54
N PHE A 260 30.50 -18.49 -29.49
CA PHE A 260 31.59 -19.44 -29.43
C PHE A 260 32.95 -18.80 -29.56
N ILE A 261 33.08 -17.83 -30.46
CA ILE A 261 34.37 -17.17 -30.63
C ILE A 261 34.81 -16.43 -29.37
N ILE A 262 33.99 -15.49 -28.92
CA ILE A 262 34.31 -14.70 -27.74
C ILE A 262 34.59 -15.55 -26.53
N LEU A 263 33.65 -16.41 -26.16
CA LEU A 263 33.80 -17.25 -24.99
C LEU A 263 35.02 -18.19 -25.02
N SER A 264 35.52 -18.52 -26.20
CA SER A 264 36.70 -19.39 -26.26
C SER A 264 37.98 -18.58 -26.14
N GLU A 265 37.90 -17.31 -26.52
CA GLU A 265 39.06 -16.42 -26.44
C GLU A 265 39.11 -15.61 -25.15
N TRP A 266 38.01 -15.63 -24.40
CA TRP A 266 37.88 -14.91 -23.13
C TRP A 266 39.06 -15.16 -22.22
N ASN A 267 39.50 -14.10 -21.55
CA ASN A 267 40.64 -14.17 -20.63
C ASN A 267 40.26 -14.66 -19.24
N TRP A 268 39.75 -15.89 -19.16
CA TRP A 268 39.35 -16.48 -17.88
C TRP A 268 40.50 -16.35 -16.88
N PRO A 269 40.20 -16.12 -15.59
CA PRO A 269 38.90 -15.96 -14.96
C PRO A 269 38.24 -14.59 -14.90
N GLN A 270 38.47 -13.76 -15.91
CA GLN A 270 37.80 -12.46 -15.92
C GLN A 270 36.35 -12.91 -15.83
N PRO A 271 35.55 -12.33 -14.91
CA PRO A 271 34.16 -12.77 -14.81
C PRO A 271 33.24 -12.19 -15.88
N VAL A 272 32.11 -12.83 -16.14
CA VAL A 272 31.19 -12.26 -17.11
C VAL A 272 30.05 -11.75 -16.25
N ILE A 273 29.67 -10.49 -16.48
CA ILE A 273 28.61 -9.84 -15.72
C ILE A 273 27.74 -9.04 -16.68
N LEU A 274 26.45 -8.93 -16.39
CA LEU A 274 25.55 -8.19 -17.27
C LEU A 274 25.36 -6.72 -16.90
N LYS A 275 25.85 -6.33 -15.73
CA LYS A 275 25.77 -4.96 -15.24
C LYS A 275 26.79 -4.86 -14.10
N PRO A 276 27.16 -3.65 -13.68
CA PRO A 276 28.12 -3.47 -12.59
C PRO A 276 27.65 -4.09 -11.27
N ILE A 277 28.47 -4.94 -10.67
CA ILE A 277 28.07 -5.59 -9.42
C ILE A 277 27.66 -4.56 -8.36
N GLU A 278 26.41 -4.64 -7.92
CA GLU A 278 25.89 -3.72 -6.91
C GLU A 278 26.22 -4.08 -5.49
N ASP A 279 25.86 -3.18 -4.59
CA ASP A 279 26.06 -3.31 -3.14
C ASP A 279 24.72 -3.18 -2.41
N GLY A 280 24.73 -3.21 -1.08
CA GLY A 280 23.47 -3.08 -0.36
C GLY A 280 23.46 -3.29 1.14
N PRO A 281 22.25 -3.24 1.75
CA PRO A 281 21.96 -3.41 3.17
C PRO A 281 22.48 -4.71 3.75
N LEU A 282 21.64 -5.74 3.67
CA LEU A 282 21.94 -7.06 4.21
C LEU A 282 23.41 -7.34 4.52
N GLN A 283 23.63 -8.03 5.62
CA GLN A 283 24.98 -8.36 6.02
C GLN A 283 25.47 -9.56 5.19
N VAL A 284 24.75 -9.87 4.12
CA VAL A 284 25.10 -10.99 3.24
C VAL A 284 26.28 -10.69 2.33
N ARG A 285 27.06 -11.72 2.02
CA ARG A 285 28.21 -11.55 1.15
C ARG A 285 27.80 -11.41 -0.30
N VAL A 286 28.52 -10.56 -1.02
CA VAL A 286 28.29 -10.35 -2.44
C VAL A 286 29.58 -10.88 -3.07
N TRP A 287 29.50 -11.38 -4.30
CA TRP A 287 30.67 -11.91 -4.98
C TRP A 287 31.76 -10.83 -5.06
N ASN A 288 32.93 -11.14 -4.53
CA ASN A 288 34.04 -10.19 -4.50
C ASN A 288 35.35 -10.98 -4.26
N PRO A 289 36.08 -11.26 -5.35
CA PRO A 289 37.34 -12.01 -5.29
C PRO A 289 38.49 -11.29 -4.59
N LYS A 290 38.29 -10.03 -4.24
CA LYS A 290 39.33 -9.30 -3.54
C LYS A 290 39.24 -9.60 -2.05
N ILE A 291 38.01 -9.73 -1.58
CA ILE A 291 37.75 -10.02 -0.18
C ILE A 291 37.75 -11.51 0.18
N TYR A 292 36.96 -12.31 -0.54
CA TYR A 292 36.85 -13.73 -0.22
C TYR A 292 37.61 -14.73 -1.10
N ALA A 293 38.50 -15.48 -0.46
CA ALA A 293 39.30 -16.50 -1.14
C ALA A 293 38.47 -17.39 -2.05
N GLN A 294 37.38 -17.92 -1.50
CA GLN A 294 36.51 -18.82 -2.25
C GLN A 294 36.14 -18.23 -3.61
N ASP A 295 36.00 -16.92 -3.67
CA ASP A 295 35.64 -16.27 -4.92
C ASP A 295 36.84 -16.08 -5.84
N ARG A 296 38.04 -16.03 -5.26
CA ARG A 296 39.24 -15.84 -6.06
C ARG A 296 39.58 -17.11 -6.82
N SER A 297 38.97 -18.23 -6.44
CA SER A 297 39.28 -19.50 -7.09
C SER A 297 38.30 -19.95 -8.16
N HIS A 298 37.24 -19.18 -8.38
CA HIS A 298 36.29 -19.56 -9.40
C HIS A 298 37.06 -19.51 -10.73
N ARG A 299 37.00 -20.59 -11.50
CA ARG A 299 37.74 -20.68 -12.75
C ARG A 299 37.13 -20.00 -13.97
N MET A 300 35.81 -19.99 -14.07
CA MET A 300 35.08 -19.36 -15.19
C MET A 300 33.87 -18.68 -14.53
N PRO A 301 34.06 -17.48 -13.98
CA PRO A 301 32.92 -16.85 -13.33
C PRO A 301 31.82 -16.21 -14.16
N VAL A 302 30.59 -16.63 -13.89
CA VAL A 302 29.39 -16.09 -14.54
C VAL A 302 28.56 -15.59 -13.35
N ILE A 303 28.55 -14.28 -13.14
CA ILE A 303 27.87 -13.67 -12.01
C ILE A 303 26.42 -13.26 -12.22
N THR A 304 25.54 -13.59 -11.30
CA THR A 304 24.12 -13.22 -11.42
C THR A 304 23.93 -11.69 -11.23
N PRO A 305 23.10 -11.06 -12.07
CA PRO A 305 22.93 -9.60 -11.93
C PRO A 305 22.14 -9.05 -10.76
N ALA A 306 21.17 -9.79 -10.24
CA ALA A 306 20.37 -9.27 -9.12
C ALA A 306 21.12 -9.31 -7.79
N TYR A 307 21.02 -8.23 -7.01
CA TYR A 307 21.69 -8.19 -5.70
C TYR A 307 21.06 -9.25 -4.80
N PRO A 308 21.88 -10.04 -4.08
CA PRO A 308 23.35 -10.03 -4.03
C PRO A 308 23.95 -10.96 -5.06
N SER A 309 24.83 -10.42 -5.88
CA SER A 309 25.48 -11.21 -6.92
C SER A 309 26.23 -12.42 -6.40
N MET A 310 25.99 -13.56 -7.03
CA MET A 310 26.68 -14.78 -6.66
C MET A 310 27.26 -15.39 -7.94
N CYS A 311 28.18 -16.34 -7.77
CA CYS A 311 28.77 -16.99 -8.92
C CYS A 311 27.97 -18.24 -9.25
N ALA A 312 27.30 -18.23 -10.41
CA ALA A 312 26.48 -19.36 -10.81
C ALA A 312 27.29 -20.57 -11.24
N THR A 313 28.57 -20.40 -11.48
CA THR A 313 29.43 -21.50 -11.93
C THR A 313 30.48 -21.99 -10.97
N HIS A 314 30.28 -21.74 -9.68
CA HIS A 314 31.22 -22.18 -8.63
C HIS A 314 31.85 -23.56 -8.83
N ASN A 315 31.05 -24.55 -9.22
CA ASN A 315 31.54 -25.92 -9.39
C ASN A 315 32.65 -26.19 -10.41
N ILE A 316 32.73 -25.42 -11.50
CA ILE A 316 33.74 -25.67 -12.53
C ILE A 316 35.13 -25.96 -11.98
N THR A 317 35.76 -27.01 -12.52
CA THR A 317 37.11 -27.45 -12.13
C THR A 317 38.06 -27.19 -13.29
N GLU A 318 39.34 -27.54 -13.12
CA GLU A 318 40.28 -27.31 -14.21
C GLU A 318 40.00 -28.25 -15.39
N SER A 319 39.47 -29.43 -15.10
CA SER A 319 39.18 -30.39 -16.16
C SER A 319 37.92 -30.05 -16.94
N THR A 320 36.82 -29.78 -16.24
CA THR A 320 35.60 -29.43 -16.94
C THR A 320 35.83 -28.12 -17.68
N LYS A 321 36.73 -27.29 -17.15
CA LYS A 321 37.02 -26.04 -17.83
C LYS A 321 37.57 -26.37 -19.22
N LYS A 322 38.50 -27.31 -19.29
CA LYS A 322 39.06 -27.70 -20.57
C LYS A 322 37.98 -28.21 -21.53
N VAL A 323 37.14 -29.11 -21.04
CA VAL A 323 36.07 -29.65 -21.87
C VAL A 323 35.25 -28.50 -22.45
N ILE A 324 34.86 -27.56 -21.60
CA ILE A 324 34.06 -26.42 -22.05
C ILE A 324 34.77 -25.61 -23.13
N LEU A 325 36.06 -25.40 -22.98
CA LEU A 325 36.76 -24.64 -24.00
C LEU A 325 36.74 -25.45 -25.29
N GLN A 326 37.00 -26.76 -25.15
CA GLN A 326 36.99 -27.66 -26.31
C GLN A 326 35.68 -27.54 -27.10
N GLU A 327 34.54 -27.62 -26.40
CA GLU A 327 33.26 -27.53 -27.07
C GLU A 327 33.07 -26.14 -27.70
N PHE A 328 33.62 -25.12 -27.07
CA PHE A 328 33.52 -23.77 -27.61
C PHE A 328 34.30 -23.72 -28.93
N VAL A 329 35.50 -24.29 -28.93
CA VAL A 329 36.32 -24.30 -30.12
C VAL A 329 35.64 -25.06 -31.25
N ARG A 330 35.08 -26.22 -30.93
CA ARG A 330 34.38 -27.01 -31.93
C ARG A 330 33.23 -26.18 -32.50
N GLY A 331 32.73 -25.22 -31.71
CA GLY A 331 31.65 -24.38 -32.17
C GLY A 331 32.13 -23.29 -33.12
N VAL A 332 33.32 -22.78 -32.86
CA VAL A 332 33.89 -21.73 -33.70
C VAL A 332 34.08 -22.33 -35.08
N GLN A 333 34.56 -23.57 -35.09
CA GLN A 333 34.82 -24.30 -36.32
C GLN A 333 33.54 -24.65 -37.08
N ILE A 334 32.56 -25.25 -36.41
CA ILE A 334 31.34 -25.62 -37.09
C ILE A 334 30.43 -24.48 -37.53
N THR A 335 30.17 -23.50 -36.66
CA THR A 335 29.31 -22.38 -37.06
C THR A 335 29.97 -21.54 -38.14
N ASN A 336 31.30 -21.55 -38.17
CA ASN A 336 32.03 -20.82 -39.21
C ASN A 336 31.77 -21.54 -40.54
N ASP A 337 31.61 -22.85 -40.47
CA ASP A 337 31.34 -23.66 -41.64
C ASP A 337 29.91 -23.47 -42.10
N ILE A 338 28.99 -23.35 -41.14
CA ILE A 338 27.58 -23.19 -41.44
C ILE A 338 27.36 -21.87 -42.17
N PHE A 339 28.24 -20.90 -41.94
CA PHE A 339 28.10 -19.62 -42.62
C PHE A 339 28.79 -19.68 -43.99
N SER A 340 29.66 -20.67 -44.17
CA SER A 340 30.36 -20.85 -45.43
C SER A 340 29.56 -21.82 -46.29
N ASN A 341 28.44 -22.28 -45.73
CA ASN A 341 27.56 -23.21 -46.41
C ASN A 341 28.16 -24.61 -46.52
N LYS A 342 29.21 -24.87 -45.77
CA LYS A 342 29.86 -26.16 -45.78
C LYS A 342 29.36 -27.12 -44.71
N LYS A 343 28.62 -26.62 -43.71
CA LYS A 343 28.06 -27.45 -42.63
C LYS A 343 26.67 -26.99 -42.21
N SER A 344 25.92 -27.86 -41.52
CA SER A 344 24.56 -27.53 -41.09
C SER A 344 24.40 -27.41 -39.58
N TRP A 345 23.27 -26.85 -39.15
CA TRP A 345 23.00 -26.70 -37.73
C TRP A 345 22.93 -28.06 -37.05
N ALA A 346 22.35 -29.03 -37.75
CA ALA A 346 22.27 -30.38 -37.20
C ALA A 346 23.67 -30.86 -36.82
N ASN A 347 24.67 -30.47 -37.60
CA ASN A 347 26.07 -30.83 -37.31
C ASN A 347 26.43 -30.37 -35.90
N LEU A 348 26.17 -29.09 -35.67
CA LEU A 348 26.44 -28.43 -34.40
C LEU A 348 25.78 -29.11 -33.21
N PHE A 349 24.57 -29.62 -33.43
CA PHE A 349 23.80 -30.28 -32.37
C PHE A 349 24.00 -31.78 -32.29
N GLU A 350 25.10 -32.28 -32.82
CA GLU A 350 25.36 -33.71 -32.80
C GLU A 350 25.68 -34.27 -31.41
N LYS A 351 25.10 -35.41 -31.09
CA LYS A 351 25.35 -36.04 -29.79
C LYS A 351 26.85 -36.23 -29.59
N ASN A 352 27.31 -36.11 -28.35
CA ASN A 352 28.73 -36.29 -28.02
C ASN A 352 29.13 -37.75 -28.21
N ASP A 353 30.43 -38.01 -28.10
CA ASP A 353 30.98 -39.35 -28.24
C ASP A 353 31.90 -39.63 -27.05
N PHE A 354 31.40 -39.29 -25.87
CA PHE A 354 32.16 -39.48 -24.64
C PHE A 354 32.78 -40.86 -24.52
N PHE A 355 31.95 -41.90 -24.63
CA PHE A 355 32.47 -43.26 -24.50
C PHE A 355 33.34 -43.80 -25.65
N PHE A 356 33.60 -42.98 -26.68
CA PHE A 356 34.42 -43.44 -27.77
C PHE A 356 35.79 -42.75 -27.77
N ARG A 357 35.90 -41.65 -27.03
CA ARG A 357 37.13 -40.85 -26.99
C ARG A 357 38.27 -41.11 -25.99
N TYR A 358 38.06 -41.85 -24.92
CA TYR A 358 39.19 -42.06 -24.01
C TYR A 358 39.62 -43.52 -24.02
N LYS A 359 40.90 -43.74 -23.70
CA LYS A 359 41.43 -45.09 -23.68
C LYS A 359 41.15 -45.77 -22.36
N PHE A 360 40.80 -44.96 -21.34
CA PHE A 360 40.48 -45.49 -20.03
C PHE A 360 39.32 -44.74 -19.38
N TYR A 361 38.66 -45.36 -18.42
CA TYR A 361 37.56 -44.72 -17.71
C TYR A 361 37.53 -45.17 -16.26
N LEU A 362 36.95 -44.35 -15.40
CA LEU A 362 36.82 -44.72 -14.02
C LEU A 362 35.32 -44.93 -13.84
N GLU A 363 34.94 -46.14 -13.50
CA GLU A 363 33.55 -46.46 -13.33
C GLU A 363 33.21 -46.45 -11.84
N ILE A 364 32.25 -45.60 -11.46
CA ILE A 364 31.80 -45.46 -10.08
C ILE A 364 30.37 -45.98 -9.99
N THR A 365 30.16 -46.98 -9.14
CA THR A 365 28.82 -47.55 -8.98
C THR A 365 28.35 -47.53 -7.51
N ALA A 366 27.16 -46.98 -7.29
CA ALA A 366 26.59 -46.92 -5.96
C ALA A 366 25.43 -47.92 -5.89
N TYR A 367 25.46 -48.80 -4.89
CA TYR A 367 24.42 -49.81 -4.73
C TYR A 367 23.53 -49.55 -3.52
N THR A 368 22.35 -50.15 -3.54
CA THR A 368 21.39 -50.00 -2.47
C THR A 368 20.45 -51.19 -2.44
N ARG A 369 20.41 -51.87 -1.30
CA ARG A 369 19.53 -53.02 -1.09
C ARG A 369 18.52 -52.53 -0.07
N GLY A 370 17.51 -51.80 -0.53
CA GLY A 370 16.50 -51.27 0.35
C GLY A 370 15.36 -50.61 -0.40
N SER A 371 15.01 -49.39 -0.01
CA SER A 371 13.91 -48.67 -0.65
C SER A 371 14.32 -47.69 -1.76
N ASP A 372 13.34 -47.28 -2.55
CA ASP A 372 13.57 -46.35 -3.63
C ASP A 372 14.08 -45.03 -3.07
N GLU A 373 13.63 -44.67 -1.88
CA GLU A 373 14.04 -43.43 -1.24
C GLU A 373 15.46 -43.52 -0.70
N GLN A 374 15.88 -44.72 -0.33
CA GLN A 374 17.22 -44.93 0.19
C GLN A 374 18.27 -44.84 -0.92
N HIS A 375 17.98 -45.43 -2.08
CA HIS A 375 18.91 -45.39 -3.20
C HIS A 375 18.97 -43.97 -3.75
N LEU A 376 17.83 -43.32 -3.83
CA LEU A 376 17.78 -41.95 -4.33
C LEU A 376 18.66 -41.06 -3.46
N LYS A 377 18.71 -41.37 -2.18
CA LYS A 377 19.52 -40.59 -1.24
C LYS A 377 20.99 -40.97 -1.36
N TRP A 378 21.30 -42.24 -1.08
CA TRP A 378 22.67 -42.74 -1.15
C TRP A 378 23.39 -42.31 -2.43
N SER A 379 22.85 -42.76 -3.56
CA SER A 379 23.43 -42.46 -4.86
C SER A 379 23.49 -40.95 -5.09
N GLY A 380 22.45 -40.24 -4.68
CA GLY A 380 22.43 -38.80 -4.84
C GLY A 380 23.62 -38.15 -4.13
N LEU A 381 24.14 -38.82 -3.11
CA LEU A 381 25.28 -38.31 -2.38
C LEU A 381 26.56 -38.55 -3.15
N VAL A 382 26.74 -39.80 -3.59
CA VAL A 382 27.92 -40.20 -4.34
C VAL A 382 28.04 -39.28 -5.54
N GLU A 383 26.94 -39.17 -6.28
CA GLU A 383 26.89 -38.34 -7.46
C GLU A 383 27.49 -36.97 -7.19
N SER A 384 26.90 -36.27 -6.23
CA SER A 384 27.34 -34.94 -5.85
C SER A 384 28.83 -34.85 -5.53
N LYS A 385 29.41 -35.92 -5.01
CA LYS A 385 30.82 -35.92 -4.64
C LYS A 385 31.80 -36.21 -5.77
N VAL A 386 31.33 -36.84 -6.84
CA VAL A 386 32.18 -37.18 -7.99
C VAL A 386 33.06 -36.00 -8.34
N ARG A 387 32.47 -34.81 -8.24
CA ARG A 387 33.19 -33.58 -8.53
C ARG A 387 34.46 -33.45 -7.72
N LEU A 388 34.42 -33.84 -6.45
CA LEU A 388 35.61 -33.74 -5.59
C LEU A 388 36.74 -34.62 -6.10
N LEU A 389 36.39 -35.82 -6.56
CA LEU A 389 37.35 -36.77 -7.10
C LEU A 389 38.01 -36.23 -8.35
N VAL A 390 37.22 -35.61 -9.23
CA VAL A 390 37.77 -35.05 -10.45
C VAL A 390 38.87 -34.05 -10.10
N MET A 391 38.69 -33.33 -9.00
CA MET A 391 39.66 -32.32 -8.54
C MET A 391 40.90 -32.95 -7.92
N LYS A 392 40.72 -34.04 -7.19
CA LYS A 392 41.86 -34.72 -6.57
C LYS A 392 42.65 -35.39 -7.69
N LEU A 393 41.91 -36.02 -8.60
CA LEU A 393 42.45 -36.72 -9.76
C LEU A 393 43.15 -35.86 -10.79
N GLU A 394 42.53 -34.74 -11.17
CA GLU A 394 43.14 -33.89 -12.18
C GLU A 394 44.41 -33.17 -11.76
N VAL A 395 44.76 -33.29 -10.49
CA VAL A 395 45.95 -32.64 -9.96
C VAL A 395 47.12 -33.61 -9.76
N LEU A 396 46.87 -34.92 -9.82
CA LEU A 396 47.94 -35.87 -9.59
C LEU A 396 48.89 -36.05 -10.76
N ALA A 397 50.06 -36.61 -10.43
CA ALA A 397 51.15 -36.89 -11.37
C ALA A 397 50.94 -36.47 -12.81
N GLY A 398 50.72 -37.45 -13.68
CA GLY A 398 50.54 -37.17 -15.09
C GLY A 398 49.18 -37.55 -15.64
N ILE A 399 48.15 -36.83 -15.16
CA ILE A 399 46.77 -37.01 -15.59
C ILE A 399 46.44 -35.77 -16.42
N LYS A 400 46.31 -35.93 -17.74
CA LYS A 400 46.01 -34.77 -18.59
C LYS A 400 44.59 -34.24 -18.36
N ILE A 401 43.67 -35.13 -17.98
CA ILE A 401 42.31 -34.68 -17.76
C ILE A 401 41.47 -35.75 -17.09
N ALA A 402 40.47 -35.31 -16.34
CA ALA A 402 39.55 -36.20 -15.66
C ALA A 402 38.18 -35.66 -16.01
N HIS A 403 37.63 -36.19 -17.10
CA HIS A 403 36.35 -35.77 -17.65
C HIS A 403 35.12 -36.51 -17.13
N PRO A 404 34.35 -35.91 -16.22
CA PRO A 404 33.15 -36.56 -15.69
C PRO A 404 31.95 -36.54 -16.64
N PHE A 405 31.43 -37.70 -16.98
CA PHE A 405 30.26 -37.76 -17.86
C PHE A 405 29.13 -37.17 -17.03
N THR A 406 28.02 -36.76 -17.64
CA THR A 406 26.98 -36.11 -16.86
C THR A 406 25.67 -36.81 -16.56
N LYS A 407 25.54 -38.06 -16.97
CA LYS A 407 24.29 -38.80 -16.73
C LYS A 407 24.56 -40.20 -16.22
N PRO A 408 24.30 -40.44 -14.93
CA PRO A 408 24.53 -41.77 -14.34
C PRO A 408 23.63 -42.82 -14.99
N PHE A 409 24.05 -44.08 -14.91
CA PHE A 409 23.28 -45.18 -15.50
C PHE A 409 22.51 -45.93 -14.40
N GLU A 410 21.19 -45.75 -14.39
CA GLU A 410 20.30 -46.36 -13.40
C GLU A 410 19.79 -47.76 -13.74
N SER A 411 19.75 -48.64 -12.74
CA SER A 411 19.22 -49.99 -12.94
C SER A 411 19.04 -50.75 -11.62
N SER A 412 17.94 -51.49 -11.52
CA SER A 412 17.64 -52.28 -10.33
C SER A 412 17.22 -53.72 -10.65
N TYR A 413 17.42 -54.62 -9.69
CA TYR A 413 17.04 -56.02 -9.89
C TYR A 413 16.19 -56.54 -8.73
N CYS A 414 15.39 -57.55 -9.01
CA CYS A 414 14.59 -58.18 -7.97
C CYS A 414 15.67 -58.97 -7.21
N CYS A 415 15.98 -58.53 -5.99
CA CYS A 415 17.00 -59.17 -5.17
C CYS A 415 16.36 -59.79 -3.92
N PRO A 416 15.80 -61.01 -4.05
CA PRO A 416 15.15 -61.73 -2.94
C PRO A 416 16.04 -62.21 -1.80
N THR A 417 17.20 -62.78 -2.11
CA THR A 417 18.10 -63.28 -1.07
C THR A 417 19.17 -62.27 -0.67
N GLU A 418 19.99 -62.66 0.31
CA GLU A 418 21.09 -61.82 0.77
C GLU A 418 22.31 -62.16 -0.07
N ASP A 419 22.45 -63.44 -0.40
CA ASP A 419 23.56 -63.90 -1.21
C ASP A 419 23.39 -63.34 -2.63
N ASP A 420 22.18 -62.87 -2.92
CA ASP A 420 21.87 -62.30 -4.23
C ASP A 420 22.38 -60.85 -4.33
N TYR A 421 22.42 -60.16 -3.19
CA TYR A 421 22.90 -58.78 -3.15
C TYR A 421 24.42 -58.78 -3.18
N GLU A 422 25.04 -59.43 -2.20
CA GLU A 422 26.49 -59.53 -2.15
C GLU A 422 26.90 -60.43 -3.31
N MET A 423 26.35 -60.15 -4.48
CA MET A 423 26.62 -60.94 -5.68
C MET A 423 26.37 -60.12 -6.93
N ILE A 424 25.26 -59.38 -6.95
CA ILE A 424 24.92 -58.56 -8.11
C ILE A 424 25.93 -57.41 -8.15
N GLN A 425 26.74 -57.32 -7.11
CA GLN A 425 27.76 -56.28 -7.01
C GLN A 425 29.15 -56.91 -7.11
N ASP A 426 29.26 -57.92 -7.97
CA ASP A 426 30.52 -58.61 -8.20
C ASP A 426 30.85 -58.65 -9.69
N LYS A 427 29.79 -58.71 -10.50
CA LYS A 427 29.89 -58.74 -11.96
C LYS A 427 31.16 -58.06 -12.46
N LEU A 440 17.82 -61.87 -9.37
CA LEU A 440 18.62 -61.02 -10.23
C LEU A 440 17.90 -60.73 -11.55
N LYS A 441 16.61 -60.43 -11.48
CA LYS A 441 15.80 -60.14 -12.68
C LYS A 441 15.69 -58.63 -12.90
N LEU A 442 16.25 -58.16 -14.00
CA LEU A 442 16.22 -56.73 -14.34
C LEU A 442 14.81 -56.16 -14.33
N VAL A 443 14.52 -55.32 -13.34
CA VAL A 443 13.21 -54.71 -13.27
C VAL A 443 13.05 -53.93 -14.57
N THR A 444 11.81 -53.70 -15.00
CA THR A 444 11.56 -52.99 -16.24
C THR A 444 10.20 -52.30 -16.24
N ASP A 445 10.04 -51.32 -17.13
CA ASP A 445 8.78 -50.60 -17.25
C ASP A 445 7.71 -51.55 -17.72
N GLU A 446 8.12 -52.78 -18.01
CA GLU A 446 7.23 -53.84 -18.44
C GLU A 446 6.71 -54.60 -17.21
N ASN A 447 7.63 -55.20 -16.46
CA ASN A 447 7.30 -55.95 -15.26
C ASN A 447 7.61 -55.10 -14.02
N LYS A 448 6.96 -53.95 -13.92
CA LYS A 448 7.19 -53.05 -12.80
C LYS A 448 6.07 -53.13 -11.78
N GLU A 449 4.82 -53.16 -12.26
CA GLU A 449 3.66 -53.24 -11.39
C GLU A 449 3.05 -54.64 -11.35
N GLU A 450 3.76 -55.61 -11.92
CA GLU A 450 3.28 -56.99 -11.94
C GLU A 450 3.47 -57.65 -10.57
N GLU A 451 2.37 -58.18 -10.03
CA GLU A 451 2.33 -58.85 -8.72
C GLU A 451 3.65 -59.42 -8.19
N SER A 452 4.21 -60.39 -8.90
CA SER A 452 5.47 -61.02 -8.48
C SER A 452 6.63 -60.05 -8.35
N ILE A 453 6.72 -59.12 -9.30
CA ILE A 453 7.79 -58.13 -9.32
C ILE A 453 7.57 -57.03 -8.29
N LYS A 454 6.46 -56.31 -8.44
CA LYS A 454 6.08 -55.19 -7.57
C LYS A 454 6.25 -55.46 -6.09
N ASP A 455 6.31 -56.73 -5.73
CA ASP A 455 6.47 -57.14 -4.34
C ASP A 455 7.95 -57.34 -3.99
N ALA A 456 8.60 -58.16 -4.82
CA ALA A 456 10.01 -58.51 -4.65
C ALA A 456 10.91 -57.41 -4.07
N PRO A 457 11.82 -57.78 -3.14
CA PRO A 457 12.72 -56.79 -2.53
C PRO A 457 13.69 -56.36 -3.64
N LYS A 458 14.09 -55.09 -3.66
CA LYS A 458 14.98 -54.61 -4.71
C LYS A 458 16.42 -54.26 -4.33
N ALA A 459 17.28 -54.22 -5.34
CA ALA A 459 18.68 -53.85 -5.20
C ALA A 459 18.93 -52.83 -6.30
N TYR A 460 19.30 -51.61 -5.91
CA TYR A 460 19.53 -50.58 -6.91
C TYR A 460 21.00 -50.25 -7.09
N LEU A 461 21.32 -49.66 -8.24
CA LEU A 461 22.68 -49.26 -8.54
C LEU A 461 22.72 -48.17 -9.62
N SER A 462 23.47 -47.11 -9.31
CA SER A 462 23.65 -45.97 -10.19
C SER A 462 25.11 -45.98 -10.59
N THR A 463 25.39 -45.88 -11.88
CA THR A 463 26.78 -45.91 -12.34
C THR A 463 27.22 -44.64 -13.06
N MET A 464 28.41 -44.16 -12.72
CA MET A 464 28.98 -42.94 -13.31
C MET A 464 30.39 -43.15 -13.85
N TYR A 465 30.75 -42.37 -14.87
CA TYR A 465 32.06 -42.50 -15.46
C TYR A 465 32.88 -41.23 -15.48
N ILE A 466 34.20 -41.41 -15.48
CA ILE A 466 35.13 -40.29 -15.55
C ILE A 466 36.12 -40.66 -16.63
N GLY A 467 36.15 -39.88 -17.71
CA GLY A 467 37.07 -40.15 -18.79
C GLY A 467 38.46 -39.77 -18.32
N LEU A 468 39.45 -40.58 -18.65
CA LEU A 468 40.81 -40.31 -18.23
C LEU A 468 41.80 -40.19 -19.39
N ASP A 469 42.73 -39.25 -19.28
CA ASP A 469 43.76 -39.04 -20.30
C ASP A 469 45.08 -38.90 -19.55
N PHE A 470 45.95 -39.89 -19.67
CA PHE A 470 47.25 -39.85 -18.99
C PHE A 470 48.29 -39.18 -19.88
N ASN A 471 49.14 -38.35 -19.27
CA ASN A 471 50.18 -37.67 -20.04
C ASN A 471 51.03 -38.64 -20.84
N ILE A 472 50.95 -38.52 -22.15
CA ILE A 472 51.71 -39.37 -23.07
C ILE A 472 53.13 -38.85 -23.20
N GLU A 473 53.77 -38.59 -22.06
CA GLU A 473 55.14 -38.10 -22.06
C GLU A 473 56.08 -39.24 -22.47
N ASN A 474 56.47 -40.10 -21.52
CA ASN A 474 57.34 -41.23 -21.83
C ASN A 474 57.81 -41.95 -20.58
N LYS A 475 56.90 -42.10 -19.63
CA LYS A 475 57.22 -42.78 -18.38
C LYS A 475 57.09 -44.30 -18.58
N LYS A 476 57.76 -45.07 -17.72
CA LYS A 476 57.71 -46.52 -17.82
C LYS A 476 56.31 -47.06 -17.54
N GLU A 477 55.51 -46.31 -16.80
CA GLU A 477 54.17 -46.76 -16.47
C GLU A 477 53.23 -45.65 -15.99
N LYS A 478 51.92 -45.89 -16.10
CA LYS A 478 50.90 -44.93 -15.68
C LYS A 478 50.96 -44.77 -14.16
N VAL A 479 50.49 -43.62 -13.68
CA VAL A 479 50.51 -43.33 -12.26
C VAL A 479 49.25 -43.80 -11.53
N ASP A 480 49.44 -44.75 -10.63
CA ASP A 480 48.36 -45.33 -9.85
C ASP A 480 47.47 -44.26 -9.20
N ILE A 481 46.17 -44.45 -9.30
CA ILE A 481 45.19 -43.51 -8.73
C ILE A 481 44.42 -44.17 -7.59
N HIS A 482 45.13 -44.96 -6.77
CA HIS A 482 44.50 -45.66 -5.64
C HIS A 482 44.11 -44.74 -4.47
N ILE A 483 45.04 -43.90 -4.01
CA ILE A 483 44.74 -43.02 -2.89
C ILE A 483 43.45 -42.21 -3.13
N PRO A 484 43.43 -41.39 -4.19
CA PRO A 484 42.23 -40.59 -4.46
C PRO A 484 40.95 -41.42 -4.51
N CYS A 485 41.00 -42.57 -5.20
CA CYS A 485 39.81 -43.41 -5.30
C CYS A 485 39.33 -43.93 -3.97
N THR A 486 40.20 -44.63 -3.24
CA THR A 486 39.82 -45.16 -1.94
C THR A 486 39.26 -44.04 -1.08
N GLU A 487 39.94 -42.90 -1.09
CA GLU A 487 39.51 -41.74 -0.34
C GLU A 487 38.07 -41.44 -0.70
N PHE A 488 37.84 -41.11 -1.97
CA PHE A 488 36.48 -40.78 -2.44
C PHE A 488 35.46 -41.76 -1.88
N VAL A 489 35.86 -43.02 -1.76
CA VAL A 489 34.97 -44.05 -1.22
C VAL A 489 34.66 -43.68 0.22
N ASN A 490 35.72 -43.62 1.03
CA ASN A 490 35.64 -43.28 2.46
C ASN A 490 34.76 -42.08 2.75
N LEU A 491 35.14 -40.92 2.22
CA LEU A 491 34.36 -39.71 2.43
C LEU A 491 32.88 -39.95 2.15
N CYS A 492 32.59 -40.74 1.13
CA CYS A 492 31.21 -41.04 0.75
C CYS A 492 30.49 -41.91 1.78
N ARG A 493 31.25 -42.74 2.49
CA ARG A 493 30.66 -43.59 3.51
C ARG A 493 30.62 -42.82 4.80
N SER A 494 31.75 -42.15 5.10
CA SER A 494 31.85 -41.34 6.30
C SER A 494 31.06 -40.06 6.05
N PHE A 495 29.74 -40.16 6.18
CA PHE A 495 28.84 -39.03 5.99
C PHE A 495 27.61 -39.26 6.85
N ASN A 496 27.24 -40.53 7.01
CA ASN A 496 26.11 -40.92 7.81
C ASN A 496 26.41 -42.32 8.33
N GLU A 497 25.72 -42.72 9.38
CA GLU A 497 25.93 -44.04 9.96
C GLU A 497 25.32 -45.13 9.09
N ASP A 498 24.19 -44.81 8.47
CA ASP A 498 23.51 -45.76 7.59
C ASP A 498 24.38 -46.07 6.37
N TYR A 499 24.97 -45.04 5.77
CA TYR A 499 25.83 -45.21 4.59
C TYR A 499 26.98 -46.17 4.88
N GLY A 500 27.66 -45.97 6.01
CA GLY A 500 28.76 -46.83 6.37
C GLY A 500 28.21 -48.13 6.95
N ASP A 501 27.36 -48.78 6.16
CA ASP A 501 26.73 -50.03 6.56
C ASP A 501 27.33 -51.26 5.90
N HIS A 502 26.98 -51.47 4.64
CA HIS A 502 27.44 -52.60 3.80
C HIS A 502 26.34 -53.61 3.55
N LYS A 503 25.33 -53.61 4.42
CA LYS A 503 24.21 -54.53 4.27
C LYS A 503 23.22 -53.96 3.26
N VAL A 504 23.08 -52.63 3.28
CA VAL A 504 22.16 -51.94 2.38
C VAL A 504 22.85 -51.15 1.28
N PHE A 505 23.88 -50.40 1.67
CA PHE A 505 24.60 -49.54 0.73
C PHE A 505 26.03 -49.96 0.40
N ASN A 506 26.42 -49.73 -0.85
CA ASN A 506 27.75 -50.08 -1.33
C ASN A 506 28.25 -49.16 -2.44
N LEU A 507 29.56 -48.93 -2.44
CA LEU A 507 30.19 -48.07 -3.44
C LEU A 507 31.44 -48.73 -3.97
N ALA A 508 31.57 -48.83 -5.29
CA ALA A 508 32.73 -49.44 -5.91
C ALA A 508 33.26 -48.63 -7.09
N LEU A 509 34.58 -48.65 -7.27
CA LEU A 509 35.24 -47.94 -8.37
C LEU A 509 36.16 -48.88 -9.15
N ARG A 510 35.89 -49.10 -10.42
CA ARG A 510 36.73 -49.98 -11.22
C ARG A 510 37.36 -49.27 -12.43
N PHE A 511 38.67 -49.47 -12.60
CA PHE A 511 39.39 -48.89 -13.72
C PHE A 511 39.02 -49.74 -14.96
N VAL A 512 38.62 -49.08 -16.05
CA VAL A 512 38.20 -49.80 -17.25
C VAL A 512 38.79 -49.28 -18.55
N LYS A 513 39.28 -50.19 -19.39
CA LYS A 513 39.85 -49.82 -20.68
C LYS A 513 38.71 -49.53 -21.65
N GLY A 514 38.89 -48.53 -22.50
CA GLY A 514 37.86 -48.19 -23.48
C GLY A 514 37.32 -49.40 -24.23
N TYR A 515 38.20 -50.35 -24.50
CA TYR A 515 37.85 -51.57 -25.20
C TYR A 515 36.84 -52.42 -24.42
N ASP A 516 36.96 -52.43 -23.09
CA ASP A 516 36.07 -53.24 -22.28
C ASP A 516 34.82 -52.55 -21.72
N LEU A 517 34.45 -51.40 -22.28
CA LEU A 517 33.27 -50.70 -21.79
C LEU A 517 32.03 -51.55 -21.90
N PRO A 518 31.09 -51.40 -20.96
CA PRO A 518 29.81 -52.14 -20.92
C PRO A 518 28.93 -51.84 -22.11
N ASP A 519 28.31 -52.85 -22.69
CA ASP A 519 27.44 -52.62 -23.84
C ASP A 519 26.38 -51.55 -23.60
N GLU A 520 25.86 -51.47 -22.38
CA GLU A 520 24.82 -50.49 -22.04
C GLU A 520 25.23 -49.04 -22.21
N VAL A 521 26.53 -48.78 -22.20
CA VAL A 521 27.06 -47.44 -22.33
C VAL A 521 26.89 -46.84 -23.71
N PHE A 522 26.70 -47.70 -24.72
CA PHE A 522 26.53 -47.23 -26.09
C PHE A 522 25.09 -47.27 -26.53
N ASP A 523 24.20 -47.76 -25.66
CA ASP A 523 22.79 -47.84 -25.98
C ASP A 523 22.28 -46.46 -26.38
N SER B 2 -11.58 23.47 -13.43
CA SER B 2 -10.93 22.19 -13.87
C SER B 2 -11.91 21.22 -14.60
N SER B 3 -13.16 21.65 -14.74
CA SER B 3 -14.16 20.86 -15.45
C SER B 3 -15.46 21.65 -15.40
N GLN B 4 -16.42 21.28 -16.24
CA GLN B 4 -17.68 22.01 -16.25
C GLN B 4 -18.48 21.84 -14.97
N LYS B 5 -18.01 20.97 -14.09
CA LYS B 5 -18.68 20.74 -12.84
C LYS B 5 -18.64 22.04 -12.03
N VAL B 6 -17.67 22.91 -12.33
CA VAL B 6 -17.58 24.16 -11.58
C VAL B 6 -18.70 25.11 -11.93
N PHE B 7 -19.55 24.76 -12.90
CA PHE B 7 -20.67 25.64 -13.24
C PHE B 7 -21.97 25.18 -12.57
N GLY B 8 -21.89 24.17 -11.70
CA GLY B 8 -23.09 23.67 -11.05
C GLY B 8 -24.02 22.86 -11.93
N ILE B 9 -24.95 22.17 -11.29
CA ILE B 9 -25.90 21.30 -11.97
C ILE B 9 -26.92 21.98 -12.88
N THR B 10 -26.79 23.29 -13.10
CA THR B 10 -27.68 23.99 -14.02
C THR B 10 -26.86 24.86 -14.94
N GLY B 11 -25.54 24.83 -14.77
CA GLY B 11 -24.69 25.65 -15.60
C GLY B 11 -24.84 27.09 -15.18
N PRO B 12 -23.97 28.01 -15.65
CA PRO B 12 -24.05 29.43 -15.28
C PRO B 12 -25.28 30.19 -15.78
N VAL B 13 -25.58 31.29 -15.12
CA VAL B 13 -26.70 32.14 -15.52
C VAL B 13 -26.14 33.08 -16.55
N SER B 14 -24.88 33.45 -16.32
CA SER B 14 -24.13 34.34 -17.20
C SER B 14 -22.66 34.07 -17.03
N THR B 15 -21.90 34.19 -18.11
CA THR B 15 -20.47 33.96 -18.04
C THR B 15 -19.70 35.24 -18.33
N VAL B 16 -20.42 36.36 -18.34
CA VAL B 16 -19.81 37.66 -18.61
C VAL B 16 -18.81 38.12 -17.55
N GLY B 17 -17.70 38.69 -18.01
CA GLY B 17 -16.68 39.18 -17.11
C GLY B 17 -17.03 40.51 -16.46
N ALA B 18 -16.26 40.87 -15.44
CA ALA B 18 -16.47 42.10 -14.68
C ALA B 18 -16.02 43.37 -15.41
N THR B 19 -16.88 44.38 -15.39
CA THR B 19 -16.57 45.67 -16.00
C THR B 19 -15.58 46.36 -15.07
N ALA B 20 -14.83 47.33 -15.60
CA ALA B 20 -13.86 48.06 -14.78
C ALA B 20 -14.57 48.65 -13.57
N ALA B 21 -15.81 49.09 -13.77
CA ALA B 21 -16.60 49.65 -12.69
C ALA B 21 -16.66 48.63 -11.55
N GLU B 22 -17.29 47.49 -11.84
CA GLU B 22 -17.44 46.40 -10.88
C GLU B 22 -16.11 46.07 -10.20
N ASN B 23 -15.05 45.98 -10.99
CA ASN B 23 -13.72 45.66 -10.45
C ASN B 23 -13.32 46.67 -9.40
N LYS B 24 -13.74 47.92 -9.57
CA LYS B 24 -13.40 48.96 -8.61
C LYS B 24 -14.15 48.68 -7.31
N LEU B 25 -15.46 48.48 -7.43
CA LEU B 25 -16.30 48.19 -6.26
C LEU B 25 -15.73 46.97 -5.54
N ASN B 26 -15.08 46.09 -6.29
CA ASN B 26 -14.48 44.90 -5.71
C ASN B 26 -13.23 45.28 -4.94
N ASP B 27 -12.44 46.19 -5.51
CA ASP B 27 -11.22 46.66 -4.86
C ASP B 27 -11.55 47.28 -3.49
N SER B 28 -12.53 48.18 -3.47
CA SER B 28 -12.93 48.79 -2.21
C SER B 28 -13.35 47.70 -1.22
N LEU B 29 -14.07 46.69 -1.71
CA LEU B 29 -14.53 45.59 -0.86
C LEU B 29 -13.36 44.94 -0.15
N ILE B 30 -12.30 44.63 -0.90
CA ILE B 30 -11.12 44.01 -0.34
C ILE B 30 -10.58 44.89 0.79
N GLN B 31 -10.46 46.18 0.50
CA GLN B 31 -9.95 47.16 1.45
C GLN B 31 -10.79 47.22 2.74
N GLU B 32 -12.10 47.01 2.61
CA GLU B 32 -12.98 47.03 3.79
C GLU B 32 -12.75 45.77 4.63
N LEU B 33 -12.44 44.66 3.96
CA LEU B 33 -12.17 43.44 4.70
C LEU B 33 -10.81 43.62 5.37
N LYS B 34 -9.95 44.43 4.76
CA LYS B 34 -8.63 44.71 5.30
C LYS B 34 -8.80 45.43 6.62
N LYS B 35 -9.48 46.57 6.53
CA LYS B 35 -9.77 47.43 7.66
C LYS B 35 -10.43 46.64 8.78
N GLU B 36 -11.27 45.69 8.42
CA GLU B 36 -11.97 44.88 9.40
C GLU B 36 -11.06 43.78 9.95
N GLY B 37 -9.81 43.75 9.50
CA GLY B 37 -8.87 42.78 9.99
C GLY B 37 -9.11 41.34 9.57
N SER B 38 -9.64 41.17 8.37
CA SER B 38 -9.93 39.85 7.82
C SER B 38 -8.65 39.04 7.59
N PHE B 39 -7.81 39.52 6.66
CA PHE B 39 -6.58 38.83 6.32
C PHE B 39 -5.49 38.86 7.39
N GLU B 40 -4.59 37.88 7.36
CA GLU B 40 -3.48 37.81 8.30
C GLU B 40 -2.21 38.14 7.50
N THR B 41 -1.09 38.36 8.18
CA THR B 41 0.14 38.69 7.47
C THR B 41 0.85 37.47 6.92
N GLU B 42 1.69 37.68 5.92
CA GLU B 42 2.43 36.60 5.31
C GLU B 42 3.26 35.84 6.34
N GLN B 43 3.79 36.55 7.33
CA GLN B 43 4.59 35.92 8.37
C GLN B 43 3.74 35.07 9.30
N GLU B 44 2.54 35.55 9.61
CA GLU B 44 1.64 34.81 10.48
C GLU B 44 1.30 33.50 9.78
N THR B 45 1.02 33.60 8.49
CA THR B 45 0.70 32.45 7.66
C THR B 45 1.82 31.42 7.72
N ALA B 46 3.03 31.85 7.38
CA ALA B 46 4.19 30.96 7.42
C ALA B 46 4.29 30.21 8.76
N ASN B 47 3.88 30.86 9.85
CA ASN B 47 3.93 30.21 11.16
C ASN B 47 2.95 29.07 11.24
N ARG B 48 1.74 29.27 10.71
CA ARG B 48 0.76 28.19 10.71
C ARG B 48 1.39 27.02 9.97
N VAL B 49 1.91 27.29 8.77
CA VAL B 49 2.56 26.28 7.94
C VAL B 49 3.65 25.54 8.70
N GLN B 50 4.44 26.28 9.48
CA GLN B 50 5.53 25.67 10.25
C GLN B 50 5.00 24.74 11.34
N VAL B 51 3.93 25.15 12.01
CA VAL B 51 3.33 24.34 13.05
C VAL B 51 2.89 23.00 12.45
N LEU B 52 2.25 23.08 11.29
CA LEU B 52 1.77 21.89 10.59
C LEU B 52 2.90 20.93 10.23
N LYS B 53 4.05 21.48 9.83
CA LYS B 53 5.21 20.66 9.48
C LYS B 53 5.62 19.82 10.68
N ILE B 54 5.57 20.43 11.85
CA ILE B 54 5.94 19.73 13.08
C ILE B 54 4.85 18.75 13.48
N LEU B 55 3.60 19.14 13.26
CA LEU B 55 2.47 18.28 13.57
C LEU B 55 2.59 17.00 12.72
N GLN B 56 2.75 17.14 11.42
CA GLN B 56 2.90 15.99 10.54
C GLN B 56 3.98 15.04 11.07
N GLU B 57 5.15 15.57 11.42
CA GLU B 57 6.26 14.77 11.95
C GLU B 57 5.81 13.98 13.17
N LEU B 58 5.12 14.68 14.07
CA LEU B 58 4.61 14.10 15.30
C LEU B 58 3.58 13.00 15.00
N ALA B 59 2.72 13.25 14.03
CA ALA B 59 1.71 12.28 13.62
C ALA B 59 2.43 11.01 13.18
N GLN B 60 3.47 11.18 12.37
CA GLN B 60 4.25 10.05 11.90
C GLN B 60 4.92 9.35 13.06
N ARG B 61 5.67 10.09 13.87
CA ARG B 61 6.35 9.52 15.03
C ARG B 61 5.31 8.74 15.86
N PHE B 62 4.12 9.32 15.93
CA PHE B 62 3.00 8.73 16.65
C PHE B 62 2.75 7.30 16.18
N VAL B 63 2.37 7.20 14.91
CA VAL B 63 2.08 5.93 14.27
C VAL B 63 3.26 5.00 14.41
N TYR B 64 4.45 5.54 14.14
CA TYR B 64 5.68 4.77 14.22
C TYR B 64 5.79 4.05 15.57
N GLU B 65 5.67 4.82 16.65
CA GLU B 65 5.78 4.24 17.97
C GLU B 65 4.76 3.16 18.27
N VAL B 66 3.49 3.41 17.92
CA VAL B 66 2.47 2.41 18.16
C VAL B 66 2.80 1.14 17.36
N SER B 67 3.20 1.32 16.11
CA SER B 67 3.55 0.18 15.26
C SER B 67 4.61 -0.71 15.93
N LYS B 68 5.61 -0.09 16.52
CA LYS B 68 6.66 -0.84 17.18
C LYS B 68 6.07 -1.60 18.36
N LYS B 69 5.23 -0.91 19.13
CA LYS B 69 4.60 -1.55 20.27
C LYS B 69 3.84 -2.76 19.77
N LYS B 70 3.35 -2.69 18.54
CA LYS B 70 2.62 -3.81 17.97
C LYS B 70 3.59 -4.85 17.43
N ASN B 71 4.88 -4.60 17.67
CA ASN B 71 5.95 -5.52 17.28
C ASN B 71 6.27 -5.62 15.80
N MET B 72 6.28 -4.49 15.10
CA MET B 72 6.58 -4.46 13.67
C MET B 72 8.05 -4.08 13.45
N SER B 73 8.59 -4.42 12.29
CA SER B 73 9.98 -4.06 12.01
C SER B 73 10.02 -2.53 11.90
N ASP B 74 11.22 -1.96 11.95
CA ASP B 74 11.32 -0.51 11.85
C ASP B 74 10.83 -0.04 10.49
N GLY B 75 11.05 -0.88 9.49
CA GLY B 75 10.63 -0.55 8.14
C GLY B 75 9.13 -0.60 7.94
N MET B 76 8.48 -1.56 8.58
CA MET B 76 7.05 -1.66 8.46
C MET B 76 6.46 -0.55 9.33
N ALA B 77 7.09 -0.32 10.48
CA ALA B 77 6.61 0.70 11.41
C ALA B 77 6.70 2.09 10.78
N ARG B 78 7.62 2.25 9.85
CA ARG B 78 7.80 3.53 9.21
C ARG B 78 6.83 3.63 8.04
N ASP B 79 6.55 2.50 7.40
CA ASP B 79 5.65 2.45 6.26
C ASP B 79 4.19 2.62 6.65
N ALA B 80 3.87 2.33 7.91
CA ALA B 80 2.52 2.49 8.42
C ALA B 80 2.11 3.95 8.24
N GLY B 81 3.12 4.82 8.20
CA GLY B 81 2.91 6.24 7.98
C GLY B 81 2.25 7.13 9.01
N GLY B 82 1.27 7.90 8.56
CA GLY B 82 0.55 8.83 9.40
C GLY B 82 0.55 10.16 8.67
N LYS B 83 -0.62 10.71 8.41
CA LYS B 83 -0.69 11.98 7.70
C LYS B 83 -1.74 12.92 8.24
N ILE B 84 -1.45 14.22 8.11
CA ILE B 84 -2.30 15.30 8.59
C ILE B 84 -3.04 15.98 7.45
N PHE B 85 -4.24 16.45 7.75
CA PHE B 85 -5.08 17.14 6.78
C PHE B 85 -5.71 18.31 7.53
N THR B 86 -6.33 19.23 6.82
CA THR B 86 -6.99 20.34 7.47
C THR B 86 -8.34 20.59 6.83
N TYR B 87 -9.27 21.07 7.65
CA TYR B 87 -10.60 21.43 7.20
C TYR B 87 -10.89 22.77 7.86
N GLY B 88 -12.12 23.25 7.74
CA GLY B 88 -12.45 24.53 8.35
C GLY B 88 -11.91 25.70 7.55
N SER B 89 -11.94 26.87 8.17
CA SER B 89 -11.48 28.11 7.55
C SER B 89 -10.10 28.05 6.89
N TYR B 90 -9.11 27.53 7.62
CA TYR B 90 -7.76 27.45 7.09
C TYR B 90 -7.73 26.73 5.74
N ARG B 91 -8.25 25.51 5.70
CA ARG B 91 -8.26 24.75 4.46
C ARG B 91 -8.84 25.57 3.30
N LEU B 92 -9.94 26.28 3.56
CA LEU B 92 -10.58 27.09 2.52
C LEU B 92 -9.81 28.36 2.18
N GLY B 93 -8.89 28.75 3.06
CA GLY B 93 -8.11 29.95 2.82
C GLY B 93 -8.88 31.22 3.12
N VAL B 94 -9.79 31.13 4.09
CA VAL B 94 -10.58 32.29 4.47
C VAL B 94 -10.48 32.52 5.98
N HIS B 95 -9.41 32.02 6.58
CA HIS B 95 -9.18 32.18 8.02
C HIS B 95 -8.65 33.59 8.33
N GLY B 96 -8.57 33.90 9.62
CA GLY B 96 -8.08 35.19 10.03
C GLY B 96 -6.98 34.96 11.04
N PRO B 97 -6.33 36.03 11.53
CA PRO B 97 -5.25 35.83 12.51
C PRO B 97 -5.73 35.26 13.85
N GLY B 98 -7.00 35.49 14.17
CA GLY B 98 -7.52 34.97 15.41
C GLY B 98 -7.94 33.52 15.26
N SER B 99 -8.47 33.19 14.09
CA SER B 99 -8.93 31.85 13.77
C SER B 99 -7.87 30.77 13.95
N ASP B 100 -8.31 29.58 14.37
CA ASP B 100 -7.44 28.44 14.61
C ASP B 100 -7.24 27.60 13.36
N ILE B 101 -6.60 26.44 13.55
CA ILE B 101 -6.37 25.48 12.48
C ILE B 101 -7.01 24.17 12.92
N ASP B 102 -8.13 23.79 12.30
CA ASP B 102 -8.80 22.53 12.65
C ASP B 102 -8.02 21.44 11.92
N THR B 103 -7.54 20.44 12.66
CA THR B 103 -6.69 19.40 12.08
C THR B 103 -7.08 17.94 12.22
N LEU B 104 -7.07 17.23 11.10
CA LEU B 104 -7.41 15.81 11.05
C LEU B 104 -6.17 14.97 10.93
N VAL B 105 -5.99 14.05 11.88
CA VAL B 105 -4.86 13.14 11.92
C VAL B 105 -5.38 11.79 11.46
N VAL B 106 -4.77 11.20 10.44
CA VAL B 106 -5.22 9.91 9.94
C VAL B 106 -4.21 8.81 10.20
N VAL B 107 -4.66 7.77 10.90
CA VAL B 107 -3.78 6.67 11.27
C VAL B 107 -4.31 5.29 10.86
N PRO B 108 -3.41 4.31 10.67
CA PRO B 108 -3.73 2.93 10.28
C PRO B 108 -4.50 2.10 11.32
N LYS B 109 -5.18 1.06 10.81
CA LYS B 109 -6.00 0.13 11.58
C LYS B 109 -5.51 -0.19 12.99
N HIS B 110 -4.22 -0.48 13.12
CA HIS B 110 -3.66 -0.83 14.40
C HIS B 110 -3.45 0.32 15.38
N VAL B 111 -3.81 1.55 14.98
CA VAL B 111 -3.68 2.70 15.88
C VAL B 111 -5.08 3.00 16.41
N THR B 112 -5.29 2.88 17.72
CA THR B 112 -6.61 3.12 18.29
C THR B 112 -6.83 4.52 18.85
N ARG B 113 -8.04 4.76 19.33
CA ARG B 113 -8.43 6.03 19.91
C ARG B 113 -7.60 6.26 21.17
N GLU B 114 -7.44 5.19 21.95
CA GLU B 114 -6.69 5.21 23.19
C GLU B 114 -5.22 5.55 22.96
N ASP B 115 -4.71 5.16 21.80
CA ASP B 115 -3.32 5.46 21.46
C ASP B 115 -3.23 6.96 21.20
N PHE B 116 -4.31 7.52 20.65
CA PHE B 116 -4.37 8.94 20.35
C PHE B 116 -4.34 9.84 21.57
N PHE B 117 -5.10 9.49 22.60
CA PHE B 117 -5.12 10.31 23.81
C PHE B 117 -4.04 9.87 24.79
N THR B 118 -3.12 9.04 24.31
CA THR B 118 -2.04 8.53 25.15
C THR B 118 -0.66 8.80 24.57
N VAL B 119 -0.39 8.21 23.42
CA VAL B 119 0.91 8.39 22.79
C VAL B 119 1.02 9.75 22.10
N PHE B 120 0.03 10.13 21.32
CA PHE B 120 0.07 11.42 20.63
C PHE B 120 0.07 12.55 21.68
N ASP B 121 -0.69 12.35 22.76
CA ASP B 121 -0.77 13.33 23.83
C ASP B 121 0.62 13.60 24.40
N SER B 122 1.33 12.53 24.74
CA SER B 122 2.67 12.64 25.29
C SER B 122 3.64 13.34 24.34
N LEU B 123 3.63 12.97 23.06
CA LEU B 123 4.53 13.58 22.08
C LEU B 123 4.38 15.09 22.01
N LEU B 124 3.15 15.57 22.17
CA LEU B 124 2.86 17.00 22.13
C LEU B 124 3.37 17.67 23.40
N ARG B 125 3.18 17.01 24.51
CA ARG B 125 3.60 17.54 25.80
C ARG B 125 5.10 17.75 25.82
N GLU B 126 5.82 16.86 25.15
CA GLU B 126 7.27 16.93 25.12
C GLU B 126 7.84 18.02 24.22
N ARG B 127 7.02 19.00 23.87
CA ARG B 127 7.50 20.09 23.02
C ARG B 127 7.43 21.44 23.70
N LYS B 128 8.41 22.29 23.38
CA LYS B 128 8.47 23.62 23.94
C LYS B 128 7.34 24.46 23.39
N GLU B 129 7.14 24.38 22.07
CA GLU B 129 6.10 25.14 21.37
C GLU B 129 4.70 24.93 21.92
N LEU B 130 4.56 23.95 22.82
CA LEU B 130 3.27 23.65 23.42
C LEU B 130 2.97 24.61 24.57
N ASP B 131 1.92 25.42 24.40
CA ASP B 131 1.49 26.40 25.40
C ASP B 131 0.42 25.79 26.31
N GLU B 132 -0.69 25.36 25.71
CA GLU B 132 -1.78 24.75 26.46
C GLU B 132 -2.39 23.58 25.73
N ILE B 133 -2.82 22.57 26.50
CA ILE B 133 -3.42 21.38 25.94
C ILE B 133 -4.61 20.95 26.80
N ALA B 134 -5.72 20.62 26.12
CA ALA B 134 -6.93 20.20 26.79
C ALA B 134 -7.57 18.99 26.11
N PRO B 135 -7.26 17.77 26.61
CA PRO B 135 -7.84 16.56 26.02
C PRO B 135 -9.36 16.58 26.20
N VAL B 136 -10.09 15.95 25.28
CA VAL B 136 -11.54 15.92 25.36
C VAL B 136 -12.05 14.59 24.80
N PRO B 137 -11.65 13.46 25.41
CA PRO B 137 -12.07 12.14 24.94
C PRO B 137 -13.53 12.06 24.49
N ASP B 138 -14.46 12.20 25.43
CA ASP B 138 -15.88 12.11 25.10
C ASP B 138 -16.50 13.39 24.54
N ALA B 139 -16.63 13.45 23.22
CA ALA B 139 -17.23 14.59 22.53
C ALA B 139 -17.88 14.06 21.26
N PHE B 140 -18.71 14.89 20.61
CA PHE B 140 -19.38 14.50 19.35
C PHE B 140 -18.35 13.68 18.58
N VAL B 141 -17.13 14.20 18.56
CA VAL B 141 -16.00 13.54 17.92
C VAL B 141 -14.80 13.84 18.82
N PRO B 142 -14.17 12.79 19.38
CA PRO B 142 -13.00 12.95 20.26
C PRO B 142 -12.09 14.07 19.76
N ILE B 143 -11.46 14.80 20.69
CA ILE B 143 -10.61 15.90 20.26
C ILE B 143 -9.60 16.34 21.33
N ILE B 144 -8.50 16.93 20.87
CA ILE B 144 -7.47 17.43 21.77
C ILE B 144 -7.19 18.87 21.35
N LYS B 145 -7.72 19.81 22.12
CA LYS B 145 -7.55 21.23 21.84
C LYS B 145 -6.24 21.69 22.43
N ILE B 146 -5.45 22.41 21.65
CA ILE B 146 -4.15 22.92 22.11
C ILE B 146 -3.73 24.24 21.48
N LYS B 147 -2.84 24.93 22.16
CA LYS B 147 -2.31 26.20 21.67
C LYS B 147 -0.83 25.91 21.42
N PHE B 148 -0.43 25.96 20.15
CA PHE B 148 0.95 25.67 19.78
C PHE B 148 1.60 26.93 19.22
N SER B 149 2.68 27.38 19.87
CA SER B 149 3.39 28.57 19.45
C SER B 149 2.42 29.69 19.13
N GLY B 150 1.44 29.87 20.03
CA GLY B 150 0.46 30.93 19.86
C GLY B 150 -0.80 30.52 19.11
N ILE B 151 -0.62 29.85 17.97
CA ILE B 151 -1.75 29.44 17.16
C ILE B 151 -2.57 28.30 17.80
N SER B 152 -3.90 28.43 17.72
CA SER B 152 -4.83 27.44 18.27
C SER B 152 -5.03 26.30 17.26
N ILE B 153 -4.88 25.07 17.75
CA ILE B 153 -5.02 23.89 16.90
C ILE B 153 -6.00 22.88 17.44
N ASP B 154 -7.02 22.58 16.64
CA ASP B 154 -8.03 21.57 16.97
C ASP B 154 -7.53 20.27 16.33
N LEU B 155 -7.36 19.21 17.12
CA LEU B 155 -6.89 17.95 16.56
C LEU B 155 -7.81 16.74 16.76
N ILE B 156 -8.37 16.23 15.65
CA ILE B 156 -9.21 15.03 15.73
C ILE B 156 -8.52 13.87 15.03
N CYS B 157 -8.90 12.66 15.39
CA CYS B 157 -8.27 11.47 14.83
C CYS B 157 -9.20 10.50 14.11
N ALA B 158 -8.85 10.16 12.87
CA ALA B 158 -9.63 9.23 12.05
C ALA B 158 -8.83 7.96 11.79
N ARG B 159 -9.44 6.81 12.07
CA ARG B 159 -8.81 5.51 11.91
C ARG B 159 -9.34 4.76 10.69
N LEU B 160 -8.50 4.56 9.68
CA LEU B 160 -8.94 3.87 8.45
C LEU B 160 -8.78 2.35 8.46
N ASP B 161 -9.59 1.67 7.64
CA ASP B 161 -9.55 0.22 7.54
C ASP B 161 -8.51 -0.32 6.55
N GLN B 162 -7.27 0.13 6.71
CA GLN B 162 -6.17 -0.31 5.88
C GLN B 162 -4.94 -0.30 6.78
N PRO B 163 -3.94 -1.11 6.47
CA PRO B 163 -2.71 -1.20 7.25
C PRO B 163 -1.75 -0.01 7.18
N GLN B 164 -1.87 0.81 6.14
CA GLN B 164 -0.96 1.95 6.02
C GLN B 164 -1.62 3.24 5.58
N VAL B 165 -0.95 4.35 5.86
CA VAL B 165 -1.44 5.67 5.49
C VAL B 165 -0.22 6.45 4.98
N PRO B 166 0.08 6.32 3.68
CA PRO B 166 1.23 7.02 3.07
C PRO B 166 0.99 8.52 2.90
N LEU B 167 2.06 9.28 2.69
CA LEU B 167 1.94 10.73 2.51
C LEU B 167 1.14 11.14 1.28
N SER B 168 1.04 10.24 0.31
CA SER B 168 0.31 10.55 -0.91
C SER B 168 -1.21 10.38 -0.77
N LEU B 169 -1.65 9.77 0.33
CA LEU B 169 -3.06 9.53 0.54
C LEU B 169 -3.94 10.77 0.47
N THR B 170 -5.07 10.65 -0.21
CA THR B 170 -6.04 11.74 -0.29
C THR B 170 -7.29 11.08 0.26
N LEU B 171 -8.29 11.87 0.63
CA LEU B 171 -9.49 11.27 1.21
C LEU B 171 -10.68 11.22 0.28
N SER B 172 -10.45 11.44 -1.01
CA SER B 172 -11.51 11.43 -2.02
C SER B 172 -12.29 10.12 -2.20
N ASP B 173 -11.58 9.04 -2.47
CA ASP B 173 -12.25 7.76 -2.68
C ASP B 173 -13.19 7.38 -1.56
N LYS B 174 -14.47 7.21 -1.90
CA LYS B 174 -15.47 6.83 -0.91
C LYS B 174 -15.26 5.43 -0.33
N ASN B 175 -14.28 4.69 -0.83
CA ASN B 175 -14.05 3.37 -0.28
C ASN B 175 -13.25 3.47 1.00
N LEU B 176 -12.71 4.64 1.29
CA LEU B 176 -11.95 4.84 2.51
C LEU B 176 -12.94 4.79 3.64
N LEU B 177 -14.23 4.88 3.30
CA LEU B 177 -15.30 4.86 4.29
C LEU B 177 -15.68 3.48 4.82
N ARG B 178 -15.29 2.41 4.11
CA ARG B 178 -15.61 1.04 4.51
C ARG B 178 -15.20 0.76 5.95
N ASN B 179 -16.06 0.02 6.64
CA ASN B 179 -15.83 -0.37 8.04
C ASN B 179 -15.56 0.74 9.04
N LEU B 180 -15.78 1.98 8.66
CA LEU B 180 -15.53 3.06 9.61
C LEU B 180 -16.71 3.20 10.57
N ASP B 181 -16.42 3.21 11.86
CA ASP B 181 -17.46 3.40 12.87
C ASP B 181 -17.86 4.88 12.91
N GLU B 182 -19.08 5.15 13.35
CA GLU B 182 -19.59 6.51 13.41
C GLU B 182 -18.56 7.61 13.63
N LYS B 183 -17.87 7.55 14.76
CA LYS B 183 -16.88 8.58 15.06
C LYS B 183 -15.83 8.82 13.98
N ASP B 184 -15.38 7.78 13.31
CA ASP B 184 -14.39 7.96 12.26
C ASP B 184 -15.00 8.56 11.02
N LEU B 185 -16.27 8.30 10.78
CA LEU B 185 -16.94 8.86 9.61
C LEU B 185 -17.10 10.36 9.77
N ARG B 186 -17.42 10.79 10.98
CA ARG B 186 -17.58 12.22 11.26
C ARG B 186 -16.22 12.91 11.16
N ALA B 187 -15.23 12.30 11.78
CA ALA B 187 -13.87 12.83 11.76
C ALA B 187 -13.43 13.13 10.34
N LEU B 188 -13.71 12.18 9.46
CA LEU B 188 -13.34 12.27 8.06
C LEU B 188 -14.18 13.20 7.18
N ASN B 189 -15.46 13.38 7.53
CA ASN B 189 -16.35 14.20 6.71
C ASN B 189 -15.90 15.65 6.53
N GLY B 190 -15.34 16.22 7.58
CA GLY B 190 -14.89 17.61 7.53
C GLY B 190 -14.01 17.90 6.33
N THR B 191 -12.88 17.22 6.27
CA THR B 191 -11.93 17.40 5.18
C THR B 191 -12.51 17.03 3.83
N ARG B 192 -13.16 15.88 3.74
CA ARG B 192 -13.76 15.45 2.47
C ARG B 192 -14.69 16.52 1.91
N VAL B 193 -15.48 17.16 2.77
CA VAL B 193 -16.41 18.18 2.31
C VAL B 193 -15.74 19.50 1.92
N THR B 194 -14.73 19.93 2.67
CA THR B 194 -14.04 21.17 2.31
C THR B 194 -13.20 21.01 1.05
N ASP B 195 -12.61 19.81 0.88
CA ASP B 195 -11.82 19.52 -0.32
C ASP B 195 -12.69 19.57 -1.55
N GLU B 196 -13.92 19.07 -1.43
CA GLU B 196 -14.83 19.03 -2.57
C GLU B 196 -15.42 20.36 -2.97
N ILE B 197 -15.64 21.24 -1.99
CA ILE B 197 -16.19 22.57 -2.26
C ILE B 197 -15.18 23.33 -3.10
N LEU B 198 -13.91 23.20 -2.73
CA LEU B 198 -12.85 23.90 -3.45
C LEU B 198 -12.75 23.48 -4.92
N GLU B 199 -13.07 22.22 -5.19
CA GLU B 199 -13.04 21.66 -6.54
C GLU B 199 -14.30 21.99 -7.31
N LEU B 200 -15.31 22.50 -6.61
CA LEU B 200 -16.58 22.78 -7.27
C LEU B 200 -16.88 24.23 -7.62
N VAL B 201 -15.90 25.10 -7.44
CA VAL B 201 -16.11 26.51 -7.75
C VAL B 201 -15.21 26.95 -8.90
N PRO B 202 -15.68 27.93 -9.69
CA PRO B 202 -14.95 28.49 -10.84
C PRO B 202 -13.57 29.04 -10.50
N LYS B 203 -13.54 30.07 -9.67
CA LYS B 203 -12.29 30.72 -9.26
C LYS B 203 -12.09 30.70 -7.74
N PRO B 204 -11.30 29.76 -7.24
CA PRO B 204 -11.09 29.69 -5.78
C PRO B 204 -10.92 31.01 -5.05
N ASN B 205 -10.01 31.87 -5.50
CA ASN B 205 -9.81 33.15 -4.80
C ASN B 205 -11.02 34.09 -4.83
N VAL B 206 -11.75 34.16 -5.93
CA VAL B 206 -12.95 35.00 -6.00
C VAL B 206 -13.95 34.50 -4.95
N PHE B 207 -13.95 33.19 -4.75
CA PHE B 207 -14.81 32.51 -3.79
C PHE B 207 -14.38 32.86 -2.38
N ARG B 208 -13.06 32.82 -2.13
CA ARG B 208 -12.53 33.12 -0.81
C ARG B 208 -12.86 34.53 -0.34
N ILE B 209 -12.86 35.50 -1.26
CA ILE B 209 -13.19 36.87 -0.87
C ILE B 209 -14.66 36.91 -0.49
N ALA B 210 -15.52 36.56 -1.44
CA ALA B 210 -16.96 36.55 -1.21
C ALA B 210 -17.32 35.82 0.10
N LEU B 211 -16.63 34.72 0.37
CA LEU B 211 -16.91 33.95 1.58
C LEU B 211 -16.47 34.75 2.79
N ARG B 212 -15.41 35.54 2.64
CA ARG B 212 -14.94 36.36 3.77
C ARG B 212 -15.98 37.44 4.04
N ALA B 213 -16.50 38.05 2.97
CA ALA B 213 -17.52 39.08 3.11
C ALA B 213 -18.76 38.51 3.79
N ILE B 214 -19.30 37.42 3.22
CA ILE B 214 -20.48 36.75 3.78
C ILE B 214 -20.26 36.37 5.24
N LYS B 215 -19.11 35.79 5.55
CA LYS B 215 -18.77 35.38 6.91
C LYS B 215 -18.90 36.57 7.88
N LEU B 216 -18.34 37.70 7.47
CA LEU B 216 -18.39 38.92 8.27
C LEU B 216 -19.85 39.34 8.37
N TRP B 217 -20.44 39.68 7.23
CA TRP B 217 -21.83 40.07 7.17
C TRP B 217 -22.73 39.17 8.03
N ALA B 218 -22.46 37.87 8.01
CA ALA B 218 -23.27 36.92 8.77
C ALA B 218 -23.09 37.00 10.26
N GLN B 219 -21.87 37.22 10.73
CA GLN B 219 -21.65 37.32 12.17
C GLN B 219 -22.18 38.63 12.74
N ARG B 220 -22.07 39.71 11.97
CA ARG B 220 -22.54 41.01 12.38
C ARG B 220 -24.07 41.05 12.45
N ARG B 221 -24.73 40.27 11.60
CA ARG B 221 -26.18 40.25 11.57
C ARG B 221 -26.80 39.15 12.43
N ALA B 222 -25.99 38.48 13.24
CA ALA B 222 -26.49 37.41 14.10
C ALA B 222 -27.27 36.31 13.34
N VAL B 223 -26.77 35.95 12.16
CA VAL B 223 -27.40 34.89 11.36
C VAL B 223 -26.32 33.85 11.08
N TYR B 224 -25.44 33.65 12.06
CA TYR B 224 -24.34 32.72 11.94
C TYR B 224 -24.15 31.99 13.26
N ALA B 225 -24.69 30.78 13.32
CA ALA B 225 -24.61 29.92 14.51
C ALA B 225 -25.54 28.74 14.29
N ASN B 226 -24.96 27.55 14.21
CA ASN B 226 -25.77 26.36 13.95
C ASN B 226 -26.63 25.96 15.14
N ILE B 227 -26.02 25.86 16.31
CA ILE B 227 -26.75 25.45 17.51
C ILE B 227 -28.02 26.25 17.77
N PHE B 228 -28.15 27.41 17.15
CA PHE B 228 -29.32 28.24 17.37
C PHE B 228 -30.29 28.33 16.19
N GLY B 229 -30.12 27.43 15.22
CA GLY B 229 -31.03 27.46 14.09
C GLY B 229 -30.61 28.33 12.93
N PHE B 230 -29.32 28.67 12.87
CA PHE B 230 -28.83 29.46 11.75
C PHE B 230 -27.71 28.69 11.05
N PRO B 231 -27.42 29.06 9.79
CA PRO B 231 -26.37 28.39 9.02
C PRO B 231 -25.01 28.60 9.68
N GLY B 232 -24.20 27.55 9.70
CA GLY B 232 -22.88 27.65 10.29
C GLY B 232 -21.85 27.89 9.21
N GLY B 233 -20.58 27.84 9.59
CA GLY B 233 -19.49 28.06 8.63
C GLY B 233 -19.66 27.32 7.32
N VAL B 234 -19.72 25.98 7.37
CA VAL B 234 -19.85 25.15 6.17
C VAL B 234 -21.10 25.44 5.35
N ALA B 235 -22.22 25.67 6.02
CA ALA B 235 -23.43 25.94 5.29
C ALA B 235 -23.27 27.26 4.55
N TRP B 236 -22.63 28.25 5.17
CA TRP B 236 -22.42 29.54 4.49
C TRP B 236 -21.41 29.35 3.37
N ALA B 237 -20.46 28.44 3.56
CA ALA B 237 -19.47 28.17 2.53
C ALA B 237 -20.14 27.67 1.24
N MET B 238 -20.92 26.59 1.35
CA MET B 238 -21.62 25.99 0.21
C MET B 238 -22.61 26.95 -0.42
N LEU B 239 -23.22 27.81 0.41
CA LEU B 239 -24.19 28.77 -0.09
C LEU B 239 -23.48 29.79 -1.00
N VAL B 240 -22.24 30.15 -0.67
CA VAL B 240 -21.47 31.08 -1.49
C VAL B 240 -20.94 30.32 -2.71
N ALA B 241 -20.51 29.08 -2.47
CA ALA B 241 -20.00 28.23 -3.53
C ALA B 241 -21.01 28.13 -4.66
N ARG B 242 -22.27 27.92 -4.29
CA ARG B 242 -23.35 27.79 -5.26
C ARG B 242 -23.44 29.00 -6.18
N ILE B 243 -23.48 30.19 -5.58
CA ILE B 243 -23.59 31.41 -6.35
C ILE B 243 -22.38 31.59 -7.25
N CYS B 244 -21.19 31.32 -6.71
CA CYS B 244 -19.99 31.43 -7.52
C CYS B 244 -20.17 30.58 -8.78
N GLN B 245 -20.66 29.35 -8.62
CA GLN B 245 -20.88 28.50 -9.78
C GLN B 245 -21.79 29.18 -10.82
N LEU B 246 -22.74 29.98 -10.35
CA LEU B 246 -23.67 30.63 -11.27
C LEU B 246 -23.04 31.77 -12.08
N TYR B 247 -22.00 32.39 -11.53
CA TYR B 247 -21.33 33.48 -12.23
C TYR B 247 -19.83 33.24 -12.15
N PRO B 248 -19.33 32.32 -12.97
CA PRO B 248 -17.91 31.96 -13.02
C PRO B 248 -16.95 33.11 -13.25
N ASN B 249 -17.34 34.03 -14.13
CA ASN B 249 -16.49 35.17 -14.45
C ASN B 249 -16.87 36.49 -13.82
N ALA B 250 -17.63 36.44 -12.73
CA ALA B 250 -18.03 37.67 -12.04
C ALA B 250 -16.83 38.08 -11.20
N CYS B 251 -16.89 39.25 -10.58
CA CYS B 251 -15.75 39.75 -9.80
C CYS B 251 -15.64 39.46 -8.30
N SER B 252 -16.75 39.22 -7.62
CA SER B 252 -16.78 38.94 -6.17
C SER B 252 -17.85 39.82 -5.57
N ALA B 253 -17.71 41.12 -5.80
CA ALA B 253 -18.66 42.10 -5.32
C ALA B 253 -19.99 41.77 -5.99
N VAL B 254 -19.93 41.47 -7.29
CA VAL B 254 -21.14 41.10 -8.04
C VAL B 254 -21.72 39.82 -7.47
N ILE B 255 -20.84 38.91 -7.05
CA ILE B 255 -21.28 37.65 -6.46
C ILE B 255 -22.06 37.93 -5.19
N LEU B 256 -21.56 38.85 -4.37
CA LEU B 256 -22.24 39.19 -3.12
C LEU B 256 -23.61 39.75 -3.45
N ASN B 257 -23.71 40.48 -4.55
CA ASN B 257 -25.00 41.06 -4.93
C ASN B 257 -25.98 39.97 -5.33
N ARG B 258 -25.63 39.20 -6.35
CA ARG B 258 -26.48 38.12 -6.85
C ARG B 258 -26.81 37.12 -5.73
N PHE B 259 -25.83 36.89 -4.87
CA PHE B 259 -25.99 36.01 -3.72
C PHE B 259 -27.30 36.40 -3.04
N PHE B 260 -27.35 37.65 -2.57
CA PHE B 260 -28.52 38.17 -1.87
C PHE B 260 -29.79 38.16 -2.72
N ILE B 261 -29.67 38.46 -4.00
CA ILE B 261 -30.84 38.47 -4.84
C ILE B 261 -31.36 37.05 -5.08
N ILE B 262 -30.47 36.16 -5.49
CA ILE B 262 -30.84 34.78 -5.78
C ILE B 262 -31.33 33.95 -4.57
N LEU B 263 -30.66 34.07 -3.42
CA LEU B 263 -31.05 33.30 -2.25
C LEU B 263 -32.30 33.79 -1.54
N SER B 264 -32.66 35.06 -1.76
CA SER B 264 -33.86 35.60 -1.15
C SER B 264 -35.08 35.17 -1.99
N GLU B 265 -34.95 35.25 -3.31
CA GLU B 265 -36.03 34.86 -4.22
C GLU B 265 -36.12 33.33 -4.39
N TRP B 266 -35.15 32.61 -3.84
CA TRP B 266 -35.09 31.16 -3.93
C TRP B 266 -36.33 30.47 -3.35
N ASN B 267 -36.84 29.50 -4.10
CA ASN B 267 -38.02 28.72 -3.75
C ASN B 267 -37.82 27.63 -2.72
N TRP B 268 -37.52 28.00 -1.47
CA TRP B 268 -37.32 27.02 -0.42
C TRP B 268 -38.64 26.24 -0.28
N PRO B 269 -38.58 24.96 0.15
CA PRO B 269 -37.38 24.20 0.50
C PRO B 269 -36.63 23.42 -0.58
N GLN B 270 -36.59 23.92 -1.80
CA GLN B 270 -35.82 23.22 -2.82
C GLN B 270 -34.38 23.32 -2.34
N PRO B 271 -33.65 22.19 -2.35
CA PRO B 271 -32.25 22.17 -1.90
C PRO B 271 -31.20 22.86 -2.73
N VAL B 272 -30.14 23.31 -2.05
CA VAL B 272 -29.01 23.94 -2.71
C VAL B 272 -28.02 22.78 -2.81
N ILE B 273 -27.79 22.34 -4.04
CA ILE B 273 -26.89 21.21 -4.33
C ILE B 273 -25.76 21.72 -5.20
N LEU B 274 -24.52 21.40 -4.81
CA LEU B 274 -23.34 21.84 -5.55
C LEU B 274 -22.92 20.84 -6.63
N LYS B 275 -23.44 19.62 -6.54
CA LYS B 275 -23.15 18.55 -7.49
C LYS B 275 -24.17 17.45 -7.23
N PRO B 276 -24.54 16.68 -8.27
CA PRO B 276 -25.52 15.60 -8.09
C PRO B 276 -25.20 14.66 -6.93
N ILE B 277 -26.20 14.31 -6.14
CA ILE B 277 -26.02 13.38 -5.01
C ILE B 277 -25.64 12.00 -5.55
N GLU B 278 -24.61 11.39 -4.98
CA GLU B 278 -24.15 10.10 -5.45
C GLU B 278 -24.57 8.90 -4.62
N ASP B 279 -24.38 7.70 -5.17
CA ASP B 279 -24.72 6.46 -4.50
C ASP B 279 -23.47 5.83 -3.95
N GLY B 280 -23.63 4.86 -3.06
CA GLY B 280 -22.45 4.23 -2.50
C GLY B 280 -22.74 3.22 -1.43
N PRO B 281 -21.73 2.87 -0.63
CA PRO B 281 -21.78 1.88 0.47
C PRO B 281 -22.56 2.27 1.75
N LEU B 282 -23.12 3.47 1.78
CA LEU B 282 -23.89 3.90 2.95
C LEU B 282 -25.14 4.65 2.48
N GLN B 283 -25.86 4.06 1.54
CA GLN B 283 -27.04 4.71 0.99
C GLN B 283 -28.09 5.23 1.99
N VAL B 284 -28.21 4.61 3.16
CA VAL B 284 -29.20 5.06 4.12
C VAL B 284 -28.93 6.41 4.78
N ARG B 285 -27.69 6.88 4.69
CA ARG B 285 -27.31 8.16 5.31
C ARG B 285 -27.44 9.31 4.35
N VAL B 286 -27.79 8.98 3.11
CA VAL B 286 -27.90 10.02 2.11
C VAL B 286 -29.19 10.79 2.31
N TRP B 287 -29.08 12.11 2.25
CA TRP B 287 -30.25 12.95 2.42
C TRP B 287 -31.26 12.52 1.36
N ASN B 288 -32.53 12.43 1.72
CA ASN B 288 -33.55 12.03 0.75
C ASN B 288 -34.94 12.30 1.28
N PRO B 289 -35.55 13.44 0.87
CA PRO B 289 -36.89 13.89 1.27
C PRO B 289 -38.05 12.98 0.86
N LYS B 290 -37.83 12.14 -0.15
CA LYS B 290 -38.87 11.23 -0.58
C LYS B 290 -38.96 10.07 0.41
N ILE B 291 -37.82 9.60 0.91
CA ILE B 291 -37.82 8.46 1.82
C ILE B 291 -38.00 8.83 3.30
N TYR B 292 -37.38 9.92 3.72
CA TYR B 292 -37.45 10.35 5.11
C TYR B 292 -38.23 11.64 5.30
N ALA B 293 -39.34 11.55 6.03
CA ALA B 293 -40.19 12.73 6.29
C ALA B 293 -39.32 13.81 6.93
N GLN B 294 -38.47 13.40 7.87
CA GLN B 294 -37.59 14.32 8.55
C GLN B 294 -36.76 15.17 7.57
N ASP B 295 -36.23 14.54 6.52
CA ASP B 295 -35.46 15.25 5.52
C ASP B 295 -36.38 16.23 4.78
N ARG B 296 -37.64 15.84 4.61
CA ARG B 296 -38.61 16.66 3.92
C ARG B 296 -38.97 17.93 4.68
N SER B 297 -38.83 17.89 6.01
CA SER B 297 -39.18 19.02 6.87
C SER B 297 -38.16 20.15 6.88
N HIS B 298 -36.93 19.84 6.50
CA HIS B 298 -35.89 20.86 6.43
C HIS B 298 -36.44 22.03 5.60
N ARG B 299 -36.29 23.24 6.12
CA ARG B 299 -36.83 24.42 5.43
C ARG B 299 -35.93 25.13 4.42
N MET B 300 -34.63 25.11 4.64
CA MET B 300 -33.69 25.75 3.73
C MET B 300 -32.53 24.76 3.58
N PRO B 301 -32.74 23.72 2.76
CA PRO B 301 -31.72 22.70 2.55
C PRO B 301 -30.47 23.06 1.75
N VAL B 302 -29.32 22.88 2.40
CA VAL B 302 -28.02 23.11 1.80
C VAL B 302 -27.33 21.79 2.10
N ILE B 303 -27.14 20.96 1.09
CA ILE B 303 -26.52 19.67 1.33
C ILE B 303 -25.11 19.55 0.80
N THR B 304 -24.28 18.90 1.60
CA THR B 304 -22.87 18.68 1.30
C THR B 304 -22.69 17.75 0.10
N PRO B 305 -21.65 18.00 -0.71
CA PRO B 305 -21.35 17.20 -1.90
C PRO B 305 -20.62 15.88 -1.67
N ALA B 306 -19.77 15.84 -0.66
CA ALA B 306 -19.04 14.61 -0.37
C ALA B 306 -19.99 13.51 0.10
N TYR B 307 -19.83 12.32 -0.46
CA TYR B 307 -20.67 11.20 -0.13
C TYR B 307 -20.48 10.80 1.32
N PRO B 308 -21.56 10.52 2.05
CA PRO B 308 -22.94 10.59 1.58
C PRO B 308 -23.48 12.00 1.86
N SER B 309 -24.14 12.60 0.87
CA SER B 309 -24.69 13.93 1.00
C SER B 309 -25.69 14.08 2.15
N MET B 310 -25.50 15.13 2.95
CA MET B 310 -26.35 15.43 4.08
C MET B 310 -26.68 16.93 4.14
N CYS B 311 -27.78 17.27 4.82
CA CYS B 311 -28.20 18.65 4.97
C CYS B 311 -27.40 19.28 6.09
N ALA B 312 -26.82 20.45 5.83
CA ALA B 312 -26.01 21.13 6.82
C ALA B 312 -26.79 22.10 7.68
N THR B 313 -27.99 22.45 7.23
CA THR B 313 -28.84 23.39 7.93
C THR B 313 -30.09 22.74 8.52
N HIS B 314 -29.89 21.61 9.18
CA HIS B 314 -31.00 20.87 9.79
C HIS B 314 -31.79 21.63 10.87
N ASN B 315 -31.08 22.36 11.73
CA ASN B 315 -31.70 23.09 12.82
C ASN B 315 -32.61 24.30 12.51
N ILE B 316 -32.56 24.85 11.30
CA ILE B 316 -33.38 26.01 10.97
C ILE B 316 -34.87 25.87 11.33
N THR B 317 -35.41 26.89 11.98
CA THR B 317 -36.82 26.90 12.38
C THR B 317 -37.60 27.85 11.48
N GLU B 318 -38.92 27.93 11.68
CA GLU B 318 -39.71 28.83 10.84
C GLU B 318 -39.33 30.28 11.14
N SER B 319 -38.91 30.53 12.37
CA SER B 319 -38.49 31.86 12.81
C SER B 319 -37.12 32.24 12.23
N THR B 320 -36.09 31.43 12.52
CA THR B 320 -34.75 31.75 12.02
C THR B 320 -34.76 31.89 10.50
N LYS B 321 -35.64 31.16 9.83
CA LYS B 321 -35.71 31.29 8.39
C LYS B 321 -36.17 32.69 8.02
N LYS B 322 -37.16 33.22 8.74
CA LYS B 322 -37.65 34.58 8.48
C LYS B 322 -36.50 35.57 8.64
N VAL B 323 -35.80 35.46 9.78
CA VAL B 323 -34.66 36.31 10.05
C VAL B 323 -33.69 36.29 8.86
N ILE B 324 -33.17 35.09 8.55
CA ILE B 324 -32.25 34.92 7.43
C ILE B 324 -32.81 35.60 6.19
N LEU B 325 -34.06 35.32 5.86
CA LEU B 325 -34.69 35.93 4.69
C LEU B 325 -34.79 37.47 4.81
N GLN B 326 -34.88 37.97 6.04
CA GLN B 326 -34.96 39.42 6.26
C GLN B 326 -33.60 40.01 5.95
N GLU B 327 -32.56 39.40 6.51
CA GLU B 327 -31.22 39.87 6.29
C GLU B 327 -30.84 39.80 4.82
N PHE B 328 -31.40 38.82 4.11
CA PHE B 328 -31.10 38.67 2.69
C PHE B 328 -31.64 39.87 1.92
N VAL B 329 -32.89 40.24 2.20
CA VAL B 329 -33.48 41.37 1.52
C VAL B 329 -32.68 42.64 1.78
N ARG B 330 -32.33 42.84 3.04
CA ARG B 330 -31.53 44.00 3.42
C ARG B 330 -30.30 43.98 2.54
N GLY B 331 -29.70 42.79 2.42
CA GLY B 331 -28.51 42.62 1.61
C GLY B 331 -28.74 43.01 0.16
N VAL B 332 -29.93 42.77 -0.36
CA VAL B 332 -30.22 43.11 -1.75
C VAL B 332 -30.39 44.63 -1.87
N GLN B 333 -30.95 45.24 -0.83
CA GLN B 333 -31.17 46.69 -0.82
C GLN B 333 -29.85 47.45 -0.66
N ILE B 334 -29.05 47.08 0.33
CA ILE B 334 -27.78 47.76 0.55
C ILE B 334 -26.77 47.58 -0.59
N THR B 335 -26.53 46.37 -1.05
CA THR B 335 -25.55 46.17 -2.13
C THR B 335 -26.05 46.76 -3.46
N ASN B 336 -27.36 46.91 -3.61
CA ASN B 336 -27.89 47.51 -4.82
C ASN B 336 -27.52 48.99 -4.78
N ASP B 337 -27.59 49.57 -3.57
CA ASP B 337 -27.24 50.97 -3.35
C ASP B 337 -25.74 51.16 -3.53
N ILE B 338 -24.96 50.20 -3.02
CA ILE B 338 -23.52 50.25 -3.15
C ILE B 338 -23.10 50.27 -4.62
N PHE B 339 -23.88 49.62 -5.47
CA PHE B 339 -23.57 49.60 -6.90
C PHE B 339 -24.00 50.89 -7.58
N SER B 340 -25.00 51.56 -7.02
CA SER B 340 -25.47 52.83 -7.58
C SER B 340 -24.78 53.97 -6.81
N ASN B 341 -23.79 53.58 -6.01
CA ASN B 341 -22.97 54.48 -5.19
C ASN B 341 -23.72 55.28 -4.13
N LYS B 342 -24.84 54.76 -3.67
CA LYS B 342 -25.62 55.45 -2.66
C LYS B 342 -25.20 55.05 -1.24
N LYS B 343 -24.62 53.86 -1.09
CA LYS B 343 -24.17 53.40 0.23
C LYS B 343 -22.78 52.79 0.13
N SER B 344 -22.26 52.27 1.24
CA SER B 344 -20.92 51.67 1.23
C SER B 344 -20.85 50.26 1.82
N TRP B 345 -19.76 49.57 1.52
CA TRP B 345 -19.54 48.23 2.03
C TRP B 345 -19.67 48.16 3.54
N ALA B 346 -19.07 49.13 4.21
CA ALA B 346 -19.11 49.19 5.67
C ALA B 346 -20.54 49.23 6.21
N ASN B 347 -21.47 49.71 5.39
CA ASN B 347 -22.87 49.80 5.79
C ASN B 347 -23.39 48.38 5.92
N LEU B 348 -23.13 47.60 4.86
CA LEU B 348 -23.54 46.21 4.78
C LEU B 348 -23.05 45.39 5.99
N PHE B 349 -21.92 45.78 6.55
CA PHE B 349 -21.34 45.05 7.67
C PHE B 349 -21.68 45.55 9.07
N GLU B 350 -22.58 46.52 9.14
CA GLU B 350 -22.99 47.11 10.41
C GLU B 350 -23.57 46.12 11.40
N LYS B 351 -23.13 46.23 12.65
CA LYS B 351 -23.62 45.39 13.74
C LYS B 351 -25.15 45.46 13.73
N ASN B 352 -25.79 44.48 14.35
CA ASN B 352 -27.25 44.43 14.39
C ASN B 352 -27.77 45.13 15.64
N ASP B 353 -29.08 45.36 15.68
CA ASP B 353 -29.71 45.99 16.83
C ASP B 353 -30.69 45.01 17.46
N PHE B 354 -30.28 43.77 17.61
CA PHE B 354 -31.15 42.73 18.18
C PHE B 354 -31.85 43.18 19.45
N PHE B 355 -31.06 43.63 20.41
CA PHE B 355 -31.56 44.06 21.71
C PHE B 355 -32.36 45.37 21.77
N PHE B 356 -32.65 45.94 20.60
CA PHE B 356 -33.43 47.17 20.53
C PHE B 356 -34.74 46.90 19.78
N ARG B 357 -34.61 46.23 18.64
CA ARG B 357 -35.73 45.91 17.75
C ARG B 357 -37.01 45.30 18.35
N TYR B 358 -36.91 44.53 19.43
CA TYR B 358 -38.12 43.94 20.02
C TYR B 358 -38.53 44.58 21.34
N LYS B 359 -39.83 44.50 21.63
CA LYS B 359 -40.39 45.09 22.85
C LYS B 359 -40.34 44.12 24.02
N PHE B 360 -40.11 42.85 23.74
CA PHE B 360 -40.02 41.84 24.78
C PHE B 360 -38.96 40.81 24.43
N TYR B 361 -38.25 40.33 25.44
CA TYR B 361 -37.22 39.32 25.23
C TYR B 361 -37.48 38.27 26.28
N LEU B 362 -36.94 37.08 26.07
CA LEU B 362 -37.12 35.99 27.02
C LEU B 362 -35.76 35.42 27.40
N GLU B 363 -35.42 35.53 28.68
CA GLU B 363 -34.14 35.05 29.16
C GLU B 363 -34.19 33.59 29.59
N ILE B 364 -33.19 32.83 29.16
CA ILE B 364 -33.07 31.43 29.52
C ILE B 364 -31.75 31.41 30.25
N THR B 365 -31.78 31.05 31.53
CA THR B 365 -30.56 31.05 32.31
C THR B 365 -30.34 29.78 33.10
N ALA B 366 -29.14 29.23 32.95
CA ALA B 366 -28.74 28.03 33.65
C ALA B 366 -27.73 28.44 34.70
N TYR B 367 -28.06 28.18 35.97
CA TYR B 367 -27.16 28.54 37.06
C TYR B 367 -26.50 27.29 37.61
N THR B 368 -25.19 27.37 37.83
CA THR B 368 -24.45 26.24 38.37
C THR B 368 -23.65 26.66 39.60
N ARG B 369 -23.93 25.99 40.71
CA ARG B 369 -23.22 26.26 41.95
C ARG B 369 -22.15 25.17 42.07
N GLY B 370 -20.98 25.40 41.46
CA GLY B 370 -19.92 24.42 41.52
C GLY B 370 -18.67 24.75 40.72
N SER B 371 -18.27 23.81 39.87
CA SER B 371 -17.06 23.97 39.05
C SER B 371 -17.33 24.32 37.59
N ASP B 372 -16.26 24.60 36.85
CA ASP B 372 -16.34 24.95 35.44
C ASP B 372 -16.87 23.77 34.62
N GLU B 373 -16.14 22.65 34.69
CA GLU B 373 -16.52 21.44 33.97
C GLU B 373 -17.94 21.06 34.35
N GLN B 374 -18.28 21.31 35.61
CA GLN B 374 -19.61 20.99 36.11
C GLN B 374 -20.66 21.94 35.51
N HIS B 375 -20.24 23.16 35.19
CA HIS B 375 -21.15 24.13 34.61
C HIS B 375 -21.19 24.03 33.08
N LEU B 376 -20.08 23.65 32.48
CA LEU B 376 -20.01 23.53 31.03
C LEU B 376 -20.95 22.43 30.50
N LYS B 377 -21.18 21.40 31.32
CA LYS B 377 -22.06 20.30 30.95
C LYS B 377 -23.52 20.75 31.06
N TRP B 378 -23.84 21.41 32.17
CA TRP B 378 -25.19 21.92 32.43
C TRP B 378 -25.60 23.02 31.43
N SER B 379 -24.76 24.05 31.32
CA SER B 379 -25.06 25.14 30.40
C SER B 379 -25.01 24.67 28.94
N GLY B 380 -24.04 23.82 28.62
CA GLY B 380 -23.93 23.32 27.27
C GLY B 380 -25.17 22.54 26.87
N LEU B 381 -25.70 21.78 27.82
CA LEU B 381 -26.89 20.98 27.57
C LEU B 381 -28.10 21.86 27.38
N VAL B 382 -28.08 23.06 27.95
CA VAL B 382 -29.22 23.94 27.82
C VAL B 382 -29.18 24.83 26.58
N GLU B 383 -28.03 25.42 26.28
CA GLU B 383 -27.96 26.29 25.12
C GLU B 383 -28.21 25.48 23.86
N SER B 384 -28.18 24.16 24.01
CA SER B 384 -28.41 23.29 22.87
C SER B 384 -29.90 23.28 22.58
N LYS B 385 -30.67 22.71 23.50
CA LYS B 385 -32.13 22.61 23.35
C LYS B 385 -32.90 23.92 23.11
N VAL B 386 -32.22 25.07 23.18
CA VAL B 386 -32.89 26.37 22.96
C VAL B 386 -33.63 26.38 21.63
N ARG B 387 -33.06 25.69 20.65
CA ARG B 387 -33.65 25.58 19.32
C ARG B 387 -35.03 24.95 19.50
N LEU B 388 -35.08 23.87 20.28
CA LEU B 388 -36.33 23.15 20.55
C LEU B 388 -37.45 24.08 21.02
N LEU B 389 -37.11 24.99 21.95
CA LEU B 389 -38.05 25.95 22.51
C LEU B 389 -38.56 26.93 21.47
N VAL B 390 -37.65 27.47 20.66
CA VAL B 390 -38.06 28.39 19.62
C VAL B 390 -39.19 27.78 18.80
N MET B 391 -39.07 26.49 18.50
CA MET B 391 -40.06 25.79 17.70
C MET B 391 -41.45 25.73 18.30
N LYS B 392 -41.53 25.47 19.61
CA LYS B 392 -42.83 25.45 20.28
C LYS B 392 -43.34 26.89 20.21
N LEU B 393 -42.64 27.77 20.92
CA LEU B 393 -42.97 29.18 20.97
C LEU B 393 -43.50 29.76 19.66
N GLU B 394 -42.73 29.60 18.60
CA GLU B 394 -43.04 30.14 17.27
C GLU B 394 -44.32 29.70 16.58
N VAL B 395 -44.83 28.53 16.94
CA VAL B 395 -46.02 28.05 16.28
C VAL B 395 -47.35 28.28 17.01
N LEU B 396 -47.29 28.45 18.33
CA LEU B 396 -48.51 28.64 19.11
C LEU B 396 -49.10 30.05 19.07
N ALA B 397 -50.30 30.15 19.63
CA ALA B 397 -51.09 31.40 19.73
C ALA B 397 -50.84 32.45 18.64
N GLY B 398 -50.57 33.67 19.07
CA GLY B 398 -50.33 34.75 18.14
C GLY B 398 -48.91 35.28 18.16
N ILE B 399 -47.93 34.37 18.31
CA ILE B 399 -46.52 34.76 18.32
C ILE B 399 -46.10 35.03 16.89
N LYS B 400 -45.84 36.30 16.59
CA LYS B 400 -45.42 36.74 15.28
C LYS B 400 -44.04 36.19 14.93
N ILE B 401 -43.21 35.98 15.96
CA ILE B 401 -41.87 35.42 15.77
C ILE B 401 -41.15 35.22 17.10
N ALA B 402 -40.27 34.22 17.13
CA ALA B 402 -39.49 33.91 18.33
C ALA B 402 -38.01 33.83 17.93
N HIS B 403 -37.47 34.99 17.55
CA HIS B 403 -36.09 35.16 17.11
C HIS B 403 -35.03 34.83 18.16
N PRO B 404 -34.18 33.81 17.89
CA PRO B 404 -33.13 33.43 18.85
C PRO B 404 -31.86 34.23 18.62
N PHE B 405 -31.23 34.70 19.69
CA PHE B 405 -29.98 35.44 19.52
C PHE B 405 -28.89 34.40 19.39
N THR B 406 -27.90 34.72 18.55
CA THR B 406 -26.79 33.83 18.24
C THR B 406 -25.68 33.62 19.26
N LYS B 407 -25.71 34.36 20.36
CA LYS B 407 -24.66 34.20 21.37
C LYS B 407 -25.25 34.11 22.77
N PRO B 408 -24.53 33.45 23.68
CA PRO B 408 -24.96 33.28 25.08
C PRO B 408 -24.16 34.26 25.96
N PHE B 409 -24.79 34.84 26.98
CA PHE B 409 -24.10 35.77 27.87
C PHE B 409 -23.74 35.08 29.18
N GLU B 410 -22.44 34.97 29.43
CA GLU B 410 -21.94 34.28 30.62
C GLU B 410 -21.22 35.15 31.65
N SER B 411 -21.35 34.80 32.92
CA SER B 411 -20.73 35.53 34.00
C SER B 411 -20.68 34.66 35.26
N SER B 412 -19.69 34.90 36.11
CA SER B 412 -19.55 34.14 37.35
C SER B 412 -19.29 35.02 38.57
N TYR B 413 -19.60 34.48 39.74
CA TYR B 413 -19.41 35.20 41.00
C TYR B 413 -18.85 34.28 42.08
N CYS B 414 -18.32 34.89 43.15
CA CYS B 414 -17.80 34.14 44.30
C CYS B 414 -19.02 33.99 45.20
N CYS B 415 -19.51 32.78 45.34
CA CYS B 415 -20.68 32.54 46.16
C CYS B 415 -20.35 31.91 47.52
N PRO B 416 -20.14 32.75 48.56
CA PRO B 416 -19.81 32.30 49.91
C PRO B 416 -20.71 31.19 50.43
N THR B 417 -21.94 31.54 50.78
CA THR B 417 -22.90 30.57 51.29
C THR B 417 -24.06 30.42 50.32
N GLU B 418 -24.90 29.41 50.53
CA GLU B 418 -26.05 29.17 49.66
C GLU B 418 -27.10 30.24 49.81
N ASP B 419 -26.92 31.13 50.78
CA ASP B 419 -27.86 32.22 50.99
C ASP B 419 -27.68 33.16 49.80
N ASP B 420 -26.42 33.49 49.50
CA ASP B 420 -26.07 34.37 48.39
C ASP B 420 -26.56 33.82 47.06
N TYR B 421 -26.36 32.52 46.85
CA TYR B 421 -26.77 31.86 45.62
C TYR B 421 -28.25 32.10 45.32
N GLU B 422 -29.11 31.93 46.33
CA GLU B 422 -30.54 32.12 46.15
C GLU B 422 -30.86 33.56 45.73
N MET B 423 -29.96 34.47 46.06
CA MET B 423 -30.12 35.89 45.73
C MET B 423 -29.76 36.16 44.27
N ILE B 424 -28.65 35.57 43.82
CA ILE B 424 -28.19 35.74 42.45
C ILE B 424 -29.33 35.36 41.50
N GLN B 425 -30.08 34.33 41.89
CA GLN B 425 -31.18 33.82 41.09
C GLN B 425 -32.39 34.76 40.95
N ASP B 426 -32.76 35.46 42.00
CA ASP B 426 -33.91 36.36 41.94
C ASP B 426 -33.53 37.80 41.59
N LYS B 427 -32.26 38.15 41.73
CA LYS B 427 -31.83 39.51 41.42
C LYS B 427 -31.22 39.66 40.03
N TYR B 428 -30.88 38.54 39.41
CA TYR B 428 -30.31 38.55 38.06
C TYR B 428 -31.44 38.43 37.03
N GLY B 429 -31.37 39.22 35.96
CA GLY B 429 -32.41 39.13 34.95
C GLY B 429 -32.94 40.47 34.50
N SER B 430 -33.39 41.30 35.43
CA SER B 430 -33.90 42.62 35.08
C SER B 430 -32.95 43.70 35.56
N HIS B 431 -33.10 44.91 35.04
CA HIS B 431 -32.24 46.02 35.43
C HIS B 431 -32.62 46.57 36.81
N LYS B 432 -33.89 46.41 37.17
CA LYS B 432 -34.38 46.88 38.46
C LYS B 432 -33.60 46.26 39.62
N THR B 433 -33.51 44.94 39.62
CA THR B 433 -32.80 44.21 40.67
C THR B 433 -31.32 43.94 40.36
N GLU B 434 -30.99 43.89 39.07
CA GLU B 434 -29.63 43.63 38.60
C GLU B 434 -28.48 44.13 39.48
N THR B 435 -28.54 45.40 39.88
CA THR B 435 -27.48 45.99 40.70
C THR B 435 -27.29 45.31 42.05
N ALA B 436 -28.26 44.49 42.46
CA ALA B 436 -28.18 43.76 43.71
C ALA B 436 -26.98 42.80 43.73
N LEU B 437 -26.67 42.23 42.56
CA LEU B 437 -25.56 41.30 42.41
C LEU B 437 -24.20 41.98 42.60
N ASN B 438 -24.14 43.27 42.29
CA ASN B 438 -22.89 44.02 42.43
C ASN B 438 -22.21 43.72 43.75
N ALA B 439 -23.00 43.31 44.74
CA ALA B 439 -22.49 42.98 46.07
C ALA B 439 -21.41 41.89 45.99
N LEU B 440 -21.80 40.68 45.59
CA LEU B 440 -20.88 39.56 45.46
C LEU B 440 -19.74 39.89 44.49
N LYS B 441 -18.56 39.35 44.77
CA LYS B 441 -17.39 39.61 43.93
C LYS B 441 -17.55 39.06 42.51
N LEU B 442 -17.62 39.97 41.52
CA LEU B 442 -17.75 39.55 40.13
C LEU B 442 -16.45 38.92 39.67
N VAL B 443 -16.43 37.60 39.58
CA VAL B 443 -15.24 36.88 39.14
C VAL B 443 -14.83 37.42 37.77
N THR B 444 -13.83 38.31 37.78
CA THR B 444 -13.34 38.94 36.56
C THR B 444 -12.37 38.05 35.78
N PRO B 457 -15.12 29.47 46.17
CA PRO B 457 -16.41 28.96 45.70
C PRO B 457 -17.06 29.94 44.72
N LYS B 458 -17.41 29.43 43.54
CA LYS B 458 -18.04 30.26 42.51
C LYS B 458 -19.36 29.66 42.01
N ALA B 459 -20.07 30.43 41.19
CA ALA B 459 -21.34 30.01 40.60
C ALA B 459 -21.35 30.63 39.21
N TYR B 460 -21.95 29.95 38.24
CA TYR B 460 -21.96 30.48 36.88
C TYR B 460 -23.33 30.71 36.28
N LEU B 461 -23.39 31.65 35.35
CA LEU B 461 -24.63 31.98 34.67
C LEU B 461 -24.43 31.98 33.16
N SER B 462 -25.35 31.33 32.46
CA SER B 462 -25.30 31.30 31.00
C SER B 462 -26.71 31.66 30.54
N THR B 463 -26.81 32.74 29.76
CA THR B 463 -28.11 33.19 29.29
C THR B 463 -28.23 33.39 27.79
N MET B 464 -29.31 32.86 27.24
CA MET B 464 -29.62 32.96 25.81
C MET B 464 -30.86 33.84 25.70
N TYR B 465 -30.89 34.72 24.70
CA TYR B 465 -32.03 35.60 24.55
C TYR B 465 -32.88 35.31 23.31
N ILE B 466 -34.18 35.21 23.53
CA ILE B 466 -35.11 34.97 22.44
C ILE B 466 -35.97 36.22 22.32
N GLY B 467 -35.75 36.99 21.26
CA GLY B 467 -36.57 38.16 21.05
C GLY B 467 -37.97 37.64 20.78
N LEU B 468 -38.97 38.34 21.29
CA LEU B 468 -40.36 37.94 21.09
C LEU B 468 -41.18 39.14 20.62
N ASP B 469 -41.99 38.92 19.59
CA ASP B 469 -42.84 39.97 19.05
C ASP B 469 -44.20 39.37 18.84
N PHE B 470 -45.18 39.86 19.59
CA PHE B 470 -46.54 39.33 19.50
C PHE B 470 -47.36 39.91 18.35
N ASN B 471 -48.52 39.33 18.12
CA ASN B 471 -49.41 39.74 17.04
C ASN B 471 -50.84 39.96 17.55
N ILE B 472 -51.17 41.21 17.87
CA ILE B 472 -52.50 41.55 18.38
C ILE B 472 -53.58 41.38 17.31
N VAL B 479 -49.84 35.05 23.92
CA VAL B 479 -49.74 35.72 25.21
C VAL B 479 -49.37 34.75 26.34
N ASP B 480 -50.04 33.60 26.37
CA ASP B 480 -49.78 32.58 27.39
C ASP B 480 -48.54 31.76 27.01
N ILE B 481 -47.51 31.84 27.84
CA ILE B 481 -46.26 31.14 27.57
C ILE B 481 -45.82 30.17 28.66
N HIS B 482 -46.34 30.33 29.87
CA HIS B 482 -45.97 29.45 30.98
C HIS B 482 -45.93 27.97 30.57
N ILE B 483 -46.92 27.55 29.78
CA ILE B 483 -47.01 26.15 29.34
C ILE B 483 -45.73 25.60 28.70
N PRO B 484 -45.29 26.15 27.55
CA PRO B 484 -44.07 25.63 26.94
C PRO B 484 -42.77 25.76 27.75
N CYS B 485 -42.56 26.90 28.38
CA CYS B 485 -41.35 27.11 29.17
C CYS B 485 -41.15 26.01 30.20
N THR B 486 -42.23 25.60 30.85
CA THR B 486 -42.17 24.56 31.88
C THR B 486 -41.72 23.22 31.33
N GLU B 487 -42.26 22.84 30.16
CA GLU B 487 -41.91 21.59 29.51
C GLU B 487 -40.42 21.63 29.18
N PHE B 488 -39.93 22.83 28.84
CA PHE B 488 -38.52 23.04 28.48
C PHE B 488 -37.64 22.68 29.67
N VAL B 489 -38.09 23.11 30.86
CA VAL B 489 -37.35 22.84 32.09
C VAL B 489 -37.53 21.36 32.43
N ASN B 490 -38.77 20.89 32.33
CA ASN B 490 -39.09 19.50 32.60
C ASN B 490 -38.22 18.62 31.70
N LEU B 491 -37.83 19.17 30.55
CA LEU B 491 -36.98 18.44 29.63
C LEU B 491 -35.52 18.47 30.04
N CYS B 492 -34.94 19.67 30.06
CA CYS B 492 -33.54 19.83 30.42
C CYS B 492 -33.14 19.10 31.70
N ARG B 493 -34.01 19.14 32.70
CA ARG B 493 -33.72 18.48 33.98
C ARG B 493 -33.55 16.97 33.85
N SER B 494 -33.90 16.42 32.70
CA SER B 494 -33.76 14.98 32.45
C SER B 494 -32.28 14.62 32.47
N PHE B 495 -31.87 13.71 31.59
CA PHE B 495 -30.47 13.30 31.55
C PHE B 495 -30.02 12.80 32.93
N ASN B 496 -29.04 13.48 33.52
CA ASN B 496 -28.51 13.13 34.84
C ASN B 496 -29.48 13.59 35.92
N GLU B 497 -29.56 12.83 37.01
CA GLU B 497 -30.46 13.19 38.11
C GLU B 497 -29.88 14.33 38.94
N ASP B 498 -28.58 14.59 38.76
CA ASP B 498 -27.91 15.69 39.46
C ASP B 498 -28.53 17.00 38.99
N TYR B 499 -29.00 17.00 37.75
CA TYR B 499 -29.64 18.16 37.13
C TYR B 499 -30.99 18.46 37.79
N GLY B 500 -31.17 17.94 39.01
CA GLY B 500 -32.39 18.16 39.76
C GLY B 500 -32.09 18.39 41.23
N ASP B 501 -30.82 18.63 41.53
CA ASP B 501 -30.39 18.87 42.90
C ASP B 501 -30.90 20.23 43.38
N HIS B 502 -30.91 21.22 42.48
CA HIS B 502 -31.35 22.57 42.79
C HIS B 502 -30.40 23.26 43.77
N LYS B 503 -29.68 22.44 44.54
CA LYS B 503 -28.71 22.97 45.51
C LYS B 503 -27.45 23.28 44.72
N VAL B 504 -27.43 22.87 43.45
CA VAL B 504 -26.28 23.10 42.58
C VAL B 504 -26.69 23.56 41.17
N PHE B 505 -27.69 22.91 40.59
CA PHE B 505 -28.15 23.25 39.25
C PHE B 505 -29.56 23.87 39.22
N ASN B 506 -29.72 24.91 38.41
CA ASN B 506 -31.02 25.58 38.27
C ASN B 506 -31.29 26.15 36.87
N LEU B 507 -32.55 26.09 36.45
CA LEU B 507 -32.97 26.59 35.15
C LEU B 507 -34.00 27.69 35.40
N ALA B 508 -33.75 28.88 34.88
CA ALA B 508 -34.67 30.01 35.05
C ALA B 508 -35.04 30.67 33.73
N LEU B 509 -36.33 30.89 33.53
CA LEU B 509 -36.82 31.54 32.31
C LEU B 509 -37.58 32.81 32.67
N ARG B 510 -36.97 33.96 32.37
CA ARG B 510 -37.55 35.26 32.71
C ARG B 510 -37.99 36.12 31.54
N PHE B 511 -39.28 36.45 31.50
CA PHE B 511 -39.83 37.30 30.45
C PHE B 511 -39.52 38.75 30.84
N VAL B 512 -38.95 39.52 29.93
CA VAL B 512 -38.61 40.91 30.25
C VAL B 512 -38.98 41.89 29.15
N LYS B 513 -39.03 43.17 29.49
CA LYS B 513 -39.36 44.20 28.52
C LYS B 513 -38.07 44.82 27.98
N GLY B 514 -38.18 45.55 26.86
CA GLY B 514 -37.02 46.16 26.24
C GLY B 514 -36.08 46.94 27.15
N TYR B 515 -36.60 48.01 27.74
CA TYR B 515 -35.81 48.89 28.62
C TYR B 515 -35.35 48.24 29.93
N ASP B 516 -35.83 47.03 30.21
CA ASP B 516 -35.47 46.33 31.44
C ASP B 516 -34.35 45.30 31.22
N LEU B 517 -33.83 45.22 30.00
CA LEU B 517 -32.76 44.27 29.69
C LEU B 517 -31.48 44.54 30.49
N PRO B 518 -30.84 43.47 31.01
CA PRO B 518 -29.60 43.63 31.78
C PRO B 518 -28.53 44.38 30.98
N ASP B 519 -27.68 45.12 31.67
CA ASP B 519 -26.63 45.89 31.02
C ASP B 519 -25.63 45.05 30.25
N GLU B 520 -25.37 43.83 30.73
CA GLU B 520 -24.39 42.94 30.09
C GLU B 520 -24.64 42.78 28.59
N VAL B 521 -25.88 43.01 28.21
CA VAL B 521 -26.34 42.87 26.84
C VAL B 521 -26.02 44.01 25.87
N PHE B 522 -25.56 45.16 26.36
CA PHE B 522 -25.26 46.27 25.46
C PHE B 522 -23.76 46.50 25.22
N ASP B 523 -23.43 47.38 24.28
CA ASP B 523 -22.04 47.71 23.93
C ASP B 523 -21.42 48.63 24.97
N GLU B 524 -20.13 48.92 24.82
CA GLU B 524 -19.46 49.83 25.74
C GLU B 524 -20.12 51.19 25.47
N ASN B 525 -20.21 51.53 24.19
CA ASN B 525 -20.85 52.77 23.76
C ASN B 525 -22.35 52.49 23.59
N GLU B 526 -22.93 51.86 24.61
CA GLU B 526 -24.34 51.50 24.62
C GLU B 526 -25.29 52.69 24.61
N LYS B 527 -26.53 52.43 25.01
CA LYS B 527 -27.58 53.44 25.07
C LYS B 527 -28.90 52.74 25.35
N ARG B 528 -28.94 51.99 26.45
CA ARG B 528 -30.12 51.25 26.88
C ARG B 528 -31.43 51.96 26.51
N PRO B 529 -32.46 51.20 26.10
CA PRO B 529 -33.75 51.80 25.73
C PRO B 529 -34.45 52.44 26.92
N SER B 530 -35.46 53.26 26.63
CA SER B 530 -36.23 53.97 27.65
C SER B 530 -37.72 53.59 27.65
#